data_7OJQ
#
_entry.id   7OJQ
#
_cell.length_a   166.680
_cell.length_b   166.680
_cell.length_c   98.930
_cell.angle_alpha   90.000
_cell.angle_beta   90.000
_cell.angle_gamma   90.000
#
_symmetry.space_group_name_H-M   'I 41'
#
loop_
_entity.id
_entity.type
_entity.pdbx_description
1 polymer 'Acyl-[acyl-carrier-protein]--UDP-N-acetylglucosamine O-acyltransferase'
2 non-polymer 2-(2-chlorophenyl)sulfanyl-~{N}-[(4-cyanophenyl)methyl]-~{N}-[(5-methyl-1,3,4-oxadiazol-2-yl)methyl]ethanamide
3 water water
#
_entity_poly.entity_id   1
_entity_poly.type   'polypeptide(L)'
_entity_poly.pdbx_seq_one_letter_code
;GSHMSLIDPRAIIDPSARLAADVQVGPWSIVGAEVEIGEGTVIGPHVVLKGPTKIGKHNRIYQFSSVGEDTPDLKYKGEP
TRLVIGDHNVIREGVTIHRGTVQDRAETTIGDHNLIMAYAHIGHDSVIGNHCILVNNTALAGHVHVDDWAILSGYTLVHQ
YCRIGAHSFSGMGSAIGKDVPAYVTVFGNPAEARSMNFEGMRRRGFSSEAIHALRRAYKVVYRQGHTVEEALAELAESAA
QFPEVAVFRDSIQSATRGITR
;
_entity_poly.pdbx_strand_id   A,B,C
#
loop_
_chem_comp.id
_chem_comp.type
_chem_comp.name
_chem_comp.formula
VJE non-polymer 2-(2-chlorophenyl)sulfanyl-~{N}-[(4-cyanophenyl)methyl]-~{N}-[(5-methyl-1,3,4-oxadiazol-2-yl)methyl]ethanamide 'C20 H17 Cl N4 O2 S'
#
# COMPACT_ATOMS: atom_id res chain seq x y z
N MET A 4 -28.59 -25.38 1.56
CA MET A 4 -28.27 -23.94 1.63
C MET A 4 -28.82 -23.16 0.40
N SER A 5 -28.37 -21.90 0.20
CA SER A 5 -28.79 -21.03 -0.89
C SER A 5 -27.55 -20.44 -1.60
N LEU A 6 -27.47 -20.55 -2.95
CA LEU A 6 -26.31 -20.02 -3.70
C LEU A 6 -26.12 -18.53 -3.47
N ILE A 7 -27.22 -17.77 -3.44
CA ILE A 7 -27.20 -16.35 -3.14
C ILE A 7 -27.53 -16.24 -1.65
N ASP A 8 -26.57 -15.75 -0.86
CA ASP A 8 -26.84 -15.61 0.57
C ASP A 8 -28.02 -14.62 0.79
N PRO A 9 -28.98 -14.95 1.71
CA PRO A 9 -30.12 -14.02 1.95
C PRO A 9 -29.70 -12.64 2.49
N ARG A 10 -28.46 -12.51 3.01
CA ARG A 10 -27.92 -11.25 3.50
C ARG A 10 -27.26 -10.40 2.40
N ALA A 11 -27.13 -10.93 1.18
CA ALA A 11 -26.56 -10.16 0.08
C ALA A 11 -27.63 -9.22 -0.53
N ILE A 12 -27.21 -8.13 -1.23
CA ILE A 12 -28.14 -7.22 -1.91
C ILE A 12 -27.93 -7.41 -3.44
N ILE A 13 -28.96 -7.88 -4.16
CA ILE A 13 -28.89 -8.08 -5.63
C ILE A 13 -29.80 -7.06 -6.28
N ASP A 14 -29.25 -6.05 -6.98
CA ASP A 14 -30.09 -5.08 -7.64
C ASP A 14 -31.01 -5.76 -8.71
N PRO A 15 -32.32 -5.40 -8.77
CA PRO A 15 -33.23 -6.03 -9.77
C PRO A 15 -32.77 -5.97 -11.24
N SER A 16 -31.90 -5.00 -11.62
CA SER A 16 -31.38 -4.91 -12.99
C SER A 16 -30.13 -5.78 -13.21
N ALA A 17 -29.54 -6.34 -12.13
CA ALA A 17 -28.38 -7.23 -12.29
C ALA A 17 -28.81 -8.53 -13.04
N ARG A 18 -27.92 -9.08 -13.89
CA ARG A 18 -28.20 -10.30 -14.68
C ARG A 18 -27.16 -11.35 -14.27
N LEU A 19 -27.63 -12.45 -13.67
CA LEU A 19 -26.73 -13.47 -13.16
C LEU A 19 -27.04 -14.83 -13.76
N ALA A 20 -26.02 -15.70 -13.97
CA ALA A 20 -26.26 -17.08 -14.37
C ALA A 20 -26.85 -17.77 -13.13
N ALA A 21 -27.65 -18.81 -13.32
CA ALA A 21 -28.33 -19.54 -12.24
C ALA A 21 -27.42 -20.10 -11.14
N ASP A 22 -26.13 -20.40 -11.41
CA ASP A 22 -25.30 -21.00 -10.36
C ASP A 22 -24.30 -20.03 -9.72
N VAL A 23 -24.46 -18.72 -9.98
CA VAL A 23 -23.60 -17.70 -9.39
C VAL A 23 -23.77 -17.75 -7.87
N GLN A 24 -22.64 -17.78 -7.13
CA GLN A 24 -22.69 -17.74 -5.68
C GLN A 24 -22.34 -16.34 -5.21
N VAL A 25 -23.08 -15.85 -4.20
CA VAL A 25 -22.86 -14.54 -3.61
C VAL A 25 -22.92 -14.66 -2.09
N GLY A 26 -21.82 -14.27 -1.44
CA GLY A 26 -21.67 -14.37 0.00
C GLY A 26 -22.45 -13.32 0.79
N PRO A 27 -22.55 -13.51 2.14
CA PRO A 27 -23.28 -12.54 2.96
C PRO A 27 -22.68 -11.14 2.93
N TRP A 28 -23.56 -10.14 2.97
CA TRP A 28 -23.25 -8.70 3.00
C TRP A 28 -22.51 -8.20 1.75
N SER A 29 -22.76 -8.83 0.63
CA SER A 29 -22.18 -8.37 -0.62
C SER A 29 -23.22 -7.58 -1.39
N ILE A 30 -22.78 -6.57 -2.17
CA ILE A 30 -23.68 -5.76 -2.97
C ILE A 30 -23.41 -6.04 -4.46
N VAL A 31 -24.43 -6.48 -5.19
CA VAL A 31 -24.35 -6.69 -6.64
C VAL A 31 -25.21 -5.55 -7.22
N GLY A 32 -24.52 -4.48 -7.61
CA GLY A 32 -25.12 -3.25 -8.08
C GLY A 32 -25.93 -3.29 -9.37
N ALA A 33 -26.55 -2.13 -9.68
CA ALA A 33 -27.32 -2.02 -10.91
C ALA A 33 -26.39 -2.20 -12.11
N GLU A 34 -26.89 -2.87 -13.15
CA GLU A 34 -26.18 -3.07 -14.40
C GLU A 34 -24.95 -3.96 -14.26
N VAL A 35 -24.97 -4.90 -13.31
CA VAL A 35 -23.87 -5.84 -13.14
C VAL A 35 -24.31 -7.16 -13.75
N GLU A 36 -23.46 -7.76 -14.59
CA GLU A 36 -23.75 -9.02 -15.23
C GLU A 36 -22.69 -10.03 -14.74
N ILE A 37 -23.14 -11.24 -14.32
CA ILE A 37 -22.22 -12.26 -13.74
C ILE A 37 -22.46 -13.63 -14.35
N GLY A 38 -21.39 -14.23 -14.89
CA GLY A 38 -21.47 -15.51 -15.59
C GLY A 38 -21.36 -16.76 -14.75
N GLU A 39 -21.64 -17.89 -15.39
CA GLU A 39 -21.63 -19.26 -14.87
C GLU A 39 -20.39 -19.58 -14.01
N GLY A 40 -20.59 -20.18 -12.84
CA GLY A 40 -19.50 -20.66 -11.99
C GLY A 40 -18.73 -19.62 -11.21
N THR A 41 -19.10 -18.33 -11.33
CA THR A 41 -18.42 -17.28 -10.60
C THR A 41 -18.88 -17.31 -9.13
N VAL A 42 -17.94 -17.10 -8.23
CA VAL A 42 -18.17 -17.05 -6.78
C VAL A 42 -17.77 -15.65 -6.29
N ILE A 43 -18.73 -14.98 -5.70
CA ILE A 43 -18.52 -13.68 -5.06
C ILE A 43 -18.45 -13.93 -3.56
N GLY A 44 -17.35 -13.50 -2.93
CA GLY A 44 -17.16 -13.65 -1.49
C GLY A 44 -18.08 -12.75 -0.66
N PRO A 45 -17.87 -12.75 0.66
CA PRO A 45 -18.68 -11.86 1.52
C PRO A 45 -18.09 -10.44 1.47
N HIS A 46 -18.85 -9.39 1.88
CA HIS A 46 -18.32 -8.02 1.94
C HIS A 46 -17.74 -7.51 0.59
N VAL A 47 -18.33 -7.88 -0.50
CA VAL A 47 -17.83 -7.42 -1.80
C VAL A 47 -18.73 -6.31 -2.34
N VAL A 48 -18.15 -5.23 -2.90
CA VAL A 48 -18.98 -4.23 -3.56
C VAL A 48 -18.74 -4.35 -5.10
N LEU A 49 -19.80 -4.68 -5.86
CA LEU A 49 -19.78 -4.73 -7.32
C LEU A 49 -20.66 -3.63 -7.83
N LYS A 50 -20.10 -2.75 -8.68
CA LYS A 50 -20.86 -1.63 -9.28
C LYS A 50 -20.75 -1.74 -10.81
N GLY A 51 -21.80 -1.34 -11.53
CA GLY A 51 -21.85 -1.44 -12.99
C GLY A 51 -21.91 -0.11 -13.70
N PRO A 52 -22.02 -0.11 -15.06
CA PRO A 52 -22.10 -1.25 -15.99
C PRO A 52 -20.83 -2.11 -15.99
N THR A 53 -21.00 -3.37 -15.62
CA THR A 53 -19.87 -4.30 -15.50
C THR A 53 -20.31 -5.68 -15.96
N LYS A 54 -19.42 -6.33 -16.68
CA LYS A 54 -19.63 -7.69 -17.06
C LYS A 54 -18.50 -8.48 -16.40
N ILE A 55 -18.88 -9.53 -15.71
CA ILE A 55 -17.96 -10.47 -15.07
C ILE A 55 -18.24 -11.81 -15.68
N GLY A 56 -17.21 -12.44 -16.23
CA GLY A 56 -17.40 -13.68 -16.95
C GLY A 56 -17.60 -14.90 -16.08
N LYS A 57 -17.14 -16.05 -16.61
CA LYS A 57 -17.30 -17.35 -16.00
C LYS A 57 -16.17 -17.76 -15.08
N HIS A 58 -16.51 -18.57 -14.06
CA HIS A 58 -15.55 -19.21 -13.15
C HIS A 58 -14.54 -18.26 -12.51
N ASN A 59 -14.99 -17.06 -12.20
CA ASN A 59 -14.17 -16.07 -11.54
C ASN A 59 -14.37 -16.20 -10.05
N ARG A 60 -13.42 -15.65 -9.27
CA ARG A 60 -13.51 -15.63 -7.82
CA ARG A 60 -13.49 -15.63 -7.82
C ARG A 60 -13.14 -14.23 -7.33
N ILE A 61 -14.07 -13.58 -6.62
CA ILE A 61 -13.85 -12.24 -6.07
C ILE A 61 -13.95 -12.28 -4.56
N TYR A 62 -12.85 -11.92 -3.88
CA TYR A 62 -12.70 -11.97 -2.44
C TYR A 62 -13.18 -10.75 -1.73
N GLN A 63 -13.44 -10.92 -0.46
CA GLN A 63 -13.91 -9.94 0.51
C GLN A 63 -13.23 -8.59 0.44
N PHE A 64 -14.04 -7.52 0.63
CA PHE A 64 -13.54 -6.15 0.74
C PHE A 64 -13.00 -5.58 -0.58
N SER A 65 -13.31 -6.25 -1.70
CA SER A 65 -12.99 -5.74 -3.02
C SER A 65 -14.09 -4.77 -3.47
N SER A 66 -13.73 -3.70 -4.20
CA SER A 66 -14.65 -2.72 -4.82
C SER A 66 -14.39 -2.81 -6.32
N VAL A 67 -15.26 -3.53 -7.02
CA VAL A 67 -15.08 -3.82 -8.44
C VAL A 67 -16.14 -3.10 -9.26
N GLY A 68 -15.70 -2.20 -10.12
CA GLY A 68 -16.59 -1.49 -11.02
C GLY A 68 -16.97 -0.10 -10.57
N GLU A 69 -16.14 0.51 -9.73
CA GLU A 69 -16.41 1.86 -9.24
C GLU A 69 -15.98 2.88 -10.32
N ASP A 70 -16.44 4.12 -10.20
CA ASP A 70 -15.96 5.12 -11.14
C ASP A 70 -14.74 5.81 -10.54
N THR A 71 -13.86 6.28 -11.41
CA THR A 71 -12.65 6.99 -11.02
C THR A 71 -12.97 8.26 -10.17
N PRO A 72 -12.11 8.65 -9.18
CA PRO A 72 -12.38 9.86 -8.40
C PRO A 72 -12.18 11.20 -9.14
N ASP A 73 -12.25 11.20 -10.50
CA ASP A 73 -12.23 12.40 -11.38
C ASP A 73 -12.61 12.08 -12.83
N LEU A 74 -13.73 12.66 -13.31
CA LEU A 74 -14.24 12.47 -14.67
C LEU A 74 -14.17 13.76 -15.48
N GLY A 78 -22.65 12.73 -17.72
CA GLY A 78 -23.46 11.57 -18.10
C GLY A 78 -22.74 10.53 -18.92
N GLU A 79 -21.41 10.67 -19.06
CA GLU A 79 -20.52 9.78 -19.82
C GLU A 79 -20.68 8.29 -19.43
N PRO A 80 -21.24 7.44 -20.34
CA PRO A 80 -21.36 6.00 -20.01
C PRO A 80 -19.99 5.32 -20.03
N THR A 81 -19.66 4.63 -18.92
CA THR A 81 -18.37 3.94 -18.73
C THR A 81 -18.62 2.48 -18.38
N ARG A 82 -17.67 1.59 -18.71
CA ARG A 82 -17.85 0.18 -18.49
C ARG A 82 -16.56 -0.55 -18.03
N LEU A 83 -16.77 -1.71 -17.42
CA LEU A 83 -15.71 -2.62 -17.00
C LEU A 83 -16.10 -4.00 -17.49
N VAL A 84 -15.17 -4.69 -18.15
CA VAL A 84 -15.39 -6.02 -18.61
C VAL A 84 -14.27 -6.94 -18.06
N ILE A 85 -14.67 -8.05 -17.44
CA ILE A 85 -13.79 -9.06 -16.88
C ILE A 85 -14.13 -10.39 -17.54
N GLY A 86 -13.11 -11.10 -17.99
CA GLY A 86 -13.22 -12.37 -18.66
C GLY A 86 -13.45 -13.54 -17.73
N ASP A 87 -12.87 -14.70 -18.07
CA ASP A 87 -13.08 -15.96 -17.35
C ASP A 87 -11.90 -16.42 -16.53
N HIS A 88 -12.15 -17.27 -15.51
CA HIS A 88 -11.12 -17.90 -14.69
C HIS A 88 -10.14 -16.94 -14.02
N ASN A 89 -10.60 -15.76 -13.62
CA ASN A 89 -9.75 -14.79 -12.93
C ASN A 89 -9.92 -14.94 -11.44
N VAL A 90 -8.92 -14.49 -10.68
CA VAL A 90 -8.98 -14.46 -9.22
C VAL A 90 -8.68 -13.04 -8.84
N ILE A 91 -9.63 -12.43 -8.13
CA ILE A 91 -9.50 -11.09 -7.59
C ILE A 91 -9.50 -11.24 -6.06
N ARG A 92 -8.34 -11.02 -5.44
CA ARG A 92 -8.12 -11.17 -4.00
C ARG A 92 -8.70 -9.99 -3.21
N GLU A 93 -8.57 -10.05 -1.90
CA GLU A 93 -9.17 -9.09 -0.98
C GLU A 93 -8.70 -7.64 -1.17
N GLY A 94 -9.66 -6.71 -1.03
CA GLY A 94 -9.41 -5.29 -1.09
C GLY A 94 -8.97 -4.74 -2.43
N VAL A 95 -9.11 -5.51 -3.51
CA VAL A 95 -8.75 -5.01 -4.85
C VAL A 95 -9.76 -3.92 -5.29
N THR A 96 -9.26 -2.81 -5.88
CA THR A 96 -10.10 -1.76 -6.46
C THR A 96 -9.93 -1.74 -8.01
N ILE A 97 -11.04 -1.83 -8.75
CA ILE A 97 -11.03 -1.83 -10.23
C ILE A 97 -12.02 -0.79 -10.69
N HIS A 98 -11.55 0.22 -11.42
CA HIS A 98 -12.42 1.29 -11.92
C HIS A 98 -12.87 1.06 -13.36
N ARG A 99 -14.07 1.55 -13.72
CA ARG A 99 -14.64 1.46 -15.07
C ARG A 99 -13.87 2.42 -16.00
N GLY A 100 -14.06 2.32 -17.31
CA GLY A 100 -13.31 3.12 -18.27
C GLY A 100 -13.99 4.37 -18.82
N THR A 101 -14.46 4.25 -20.08
CA THR A 101 -15.20 5.17 -20.99
C THR A 101 -15.43 4.39 -22.28
N VAL A 102 -16.68 4.35 -22.77
CA VAL A 102 -17.06 3.60 -23.98
C VAL A 102 -16.80 4.43 -25.27
N GLN A 103 -17.22 5.71 -25.24
CA GLN A 103 -17.14 6.70 -26.34
C GLN A 103 -15.82 6.71 -27.13
N ASP A 104 -14.67 6.67 -26.42
CA ASP A 104 -13.34 6.69 -27.03
C ASP A 104 -12.67 5.29 -27.09
N ARG A 105 -13.49 4.21 -26.97
CA ARG A 105 -13.09 2.79 -26.97
C ARG A 105 -12.06 2.47 -25.85
N ALA A 106 -12.23 3.08 -24.67
CA ALA A 106 -11.30 2.83 -23.57
C ALA A 106 -11.95 2.22 -22.31
N GLU A 107 -12.91 1.26 -22.45
CA GLU A 107 -13.52 0.56 -21.30
C GLU A 107 -12.34 -0.06 -20.49
N THR A 108 -12.51 -0.41 -19.22
CA THR A 108 -11.43 -1.11 -18.53
C THR A 108 -11.71 -2.57 -18.84
N THR A 109 -10.70 -3.32 -19.30
CA THR A 109 -10.91 -4.73 -19.66
C THR A 109 -9.82 -5.62 -19.07
N ILE A 110 -10.23 -6.80 -18.61
CA ILE A 110 -9.36 -7.82 -18.02
C ILE A 110 -9.78 -9.09 -18.74
N GLY A 111 -8.79 -9.84 -19.23
CA GLY A 111 -9.05 -11.05 -19.98
C GLY A 111 -9.23 -12.25 -19.09
N ASP A 112 -8.54 -13.35 -19.42
CA ASP A 112 -8.71 -14.62 -18.73
C ASP A 112 -7.51 -15.08 -17.94
N HIS A 113 -7.73 -15.95 -16.94
CA HIS A 113 -6.68 -16.58 -16.14
C HIS A 113 -5.72 -15.59 -15.45
N ASN A 114 -6.22 -14.43 -15.03
CA ASN A 114 -5.44 -13.44 -14.32
C ASN A 114 -5.56 -13.64 -12.83
N LEU A 115 -4.50 -13.24 -12.12
CA LEU A 115 -4.43 -13.27 -10.67
C LEU A 115 -4.11 -11.85 -10.22
N ILE A 116 -5.09 -11.21 -9.59
CA ILE A 116 -4.99 -9.85 -9.10
C ILE A 116 -5.02 -9.98 -7.58
N MET A 117 -3.86 -9.79 -6.98
CA MET A 117 -3.65 -10.04 -5.58
C MET A 117 -4.02 -8.88 -4.71
N ALA A 118 -4.06 -9.13 -3.40
CA ALA A 118 -4.65 -8.25 -2.39
C ALA A 118 -4.25 -6.78 -2.51
N TYR A 119 -5.26 -5.88 -2.54
CA TYR A 119 -5.11 -4.42 -2.57
C TYR A 119 -4.48 -3.86 -3.83
N ALA A 120 -4.42 -4.65 -4.91
CA ALA A 120 -3.96 -4.17 -6.20
C ALA A 120 -5.00 -3.13 -6.69
N HIS A 121 -4.55 -2.16 -7.48
CA HIS A 121 -5.43 -1.11 -8.03
C HIS A 121 -5.34 -1.10 -9.56
N ILE A 122 -6.50 -1.16 -10.21
CA ILE A 122 -6.66 -1.13 -11.65
C ILE A 122 -7.42 0.14 -12.02
N GLY A 123 -6.63 1.14 -12.39
CA GLY A 123 -7.13 2.45 -12.80
C GLY A 123 -7.96 2.39 -14.06
N HIS A 124 -8.78 3.43 -14.24
CA HIS A 124 -9.69 3.59 -15.35
C HIS A 124 -8.97 3.46 -16.71
N ASP A 125 -9.66 2.81 -17.66
CA ASP A 125 -9.21 2.60 -19.05
C ASP A 125 -8.02 1.65 -19.18
N SER A 126 -7.67 0.92 -18.10
CA SER A 126 -6.56 -0.03 -18.18
C SER A 126 -7.04 -1.30 -18.89
N VAL A 127 -6.10 -2.04 -19.51
CA VAL A 127 -6.39 -3.25 -20.29
C VAL A 127 -5.40 -4.31 -19.85
N ILE A 128 -5.91 -5.40 -19.27
CA ILE A 128 -5.07 -6.53 -18.86
C ILE A 128 -5.42 -7.69 -19.76
N GLY A 129 -4.40 -8.37 -20.26
CA GLY A 129 -4.60 -9.50 -21.14
C GLY A 129 -4.93 -10.76 -20.38
N ASN A 130 -4.18 -11.81 -20.66
CA ASN A 130 -4.37 -13.14 -20.08
C ASN A 130 -3.15 -13.62 -19.33
N HIS A 131 -3.35 -14.54 -18.38
CA HIS A 131 -2.31 -15.17 -17.60
C HIS A 131 -1.35 -14.20 -16.88
N CYS A 132 -1.81 -12.98 -16.58
CA CYS A 132 -1.02 -11.99 -15.84
C CYS A 132 -1.13 -12.21 -14.34
N ILE A 133 -0.13 -11.71 -13.60
CA ILE A 133 -0.16 -11.72 -12.14
C ILE A 133 0.18 -10.31 -11.71
N LEU A 134 -0.77 -9.68 -10.98
CA LEU A 134 -0.55 -8.39 -10.33
C LEU A 134 -0.45 -8.74 -8.87
N VAL A 135 0.76 -8.67 -8.32
CA VAL A 135 1.05 -9.03 -6.93
C VAL A 135 0.55 -7.88 -6.02
N ASN A 136 0.31 -8.18 -4.75
CA ASN A 136 -0.21 -7.28 -3.70
C ASN A 136 0.18 -5.84 -3.91
N ASN A 137 -0.81 -4.92 -3.91
CA ASN A 137 -0.61 -3.48 -3.98
C ASN A 137 0.07 -2.97 -5.24
N THR A 138 0.06 -3.73 -6.34
CA THR A 138 0.48 -3.23 -7.64
C THR A 138 -0.57 -2.14 -8.01
N ALA A 139 -0.14 -0.94 -8.45
CA ALA A 139 -1.10 0.11 -8.81
C ALA A 139 -0.88 0.54 -10.26
N LEU A 140 -1.95 0.46 -11.07
CA LEU A 140 -1.98 0.91 -12.47
C LEU A 140 -2.75 2.23 -12.42
N ALA A 141 -2.03 3.35 -12.61
CA ALA A 141 -2.67 4.67 -12.48
C ALA A 141 -3.89 4.88 -13.40
N GLY A 142 -3.83 4.38 -14.64
CA GLY A 142 -4.92 4.56 -15.58
C GLY A 142 -4.40 4.54 -17.00
N HIS A 143 -5.20 4.04 -17.97
CA HIS A 143 -4.79 3.89 -19.38
C HIS A 143 -3.55 2.99 -19.49
N VAL A 144 -3.42 1.98 -18.63
CA VAL A 144 -2.24 1.08 -18.63
C VAL A 144 -2.58 -0.19 -19.39
N HIS A 145 -1.71 -0.62 -20.31
CA HIS A 145 -1.88 -1.85 -21.06
C HIS A 145 -0.94 -2.93 -20.54
N VAL A 146 -1.48 -4.02 -20.02
CA VAL A 146 -0.65 -5.12 -19.53
C VAL A 146 -0.87 -6.29 -20.47
N ASP A 147 0.18 -6.70 -21.23
CA ASP A 147 0.06 -7.82 -22.17
C ASP A 147 0.20 -9.19 -21.47
N ASP A 148 -0.09 -10.28 -22.19
CA ASP A 148 -0.10 -11.64 -21.66
C ASP A 148 1.12 -12.06 -20.88
N TRP A 149 0.89 -12.83 -19.79
CA TRP A 149 1.93 -13.41 -18.95
C TRP A 149 2.85 -12.41 -18.23
N ALA A 150 2.51 -11.11 -18.18
CA ALA A 150 3.36 -10.20 -17.41
C ALA A 150 3.21 -10.48 -15.92
N ILE A 151 4.28 -10.28 -15.13
CA ILE A 151 4.25 -10.45 -13.68
C ILE A 151 4.75 -9.14 -13.10
N LEU A 152 3.90 -8.48 -12.34
CA LEU A 152 4.25 -7.25 -11.66
C LEU A 152 4.32 -7.59 -10.17
N SER A 153 5.56 -7.58 -9.61
CA SER A 153 5.83 -7.94 -8.20
C SER A 153 5.19 -6.94 -7.28
N GLY A 154 5.04 -7.32 -6.02
CA GLY A 154 4.38 -6.52 -5.00
C GLY A 154 4.80 -5.07 -5.01
N TYR A 155 3.79 -4.19 -4.92
CA TYR A 155 3.97 -2.74 -4.83
C TYR A 155 4.59 -2.09 -6.06
N THR A 156 4.37 -2.68 -7.24
CA THR A 156 4.85 -2.07 -8.48
C THR A 156 3.87 -0.93 -8.81
N LEU A 157 4.40 0.25 -9.11
CA LEU A 157 3.60 1.42 -9.44
C LEU A 157 3.79 1.69 -10.91
N VAL A 158 2.68 1.84 -11.65
CA VAL A 158 2.71 2.05 -13.10
C VAL A 158 2.03 3.35 -13.46
N HIS A 159 2.83 4.28 -14.03
CA HIS A 159 2.42 5.60 -14.53
C HIS A 159 1.32 5.45 -15.61
N GLN A 160 0.44 6.47 -15.72
CA GLN A 160 -0.61 6.51 -16.73
C GLN A 160 -0.01 6.38 -18.14
N TYR A 161 -0.72 5.65 -19.03
CA TYR A 161 -0.38 5.43 -20.45
C TYR A 161 0.80 4.46 -20.68
N CYS A 162 1.40 3.89 -19.65
CA CYS A 162 2.49 2.92 -19.84
C CYS A 162 1.98 1.58 -20.38
N ARG A 163 2.77 0.95 -21.25
CA ARG A 163 2.51 -0.38 -21.79
C ARG A 163 3.50 -1.33 -21.12
N ILE A 164 3.00 -2.45 -20.58
CA ILE A 164 3.80 -3.51 -19.97
C ILE A 164 3.76 -4.67 -20.98
N GLY A 165 4.90 -4.99 -21.56
CA GLY A 165 5.01 -6.03 -22.59
C GLY A 165 4.72 -7.43 -22.12
N ALA A 166 4.41 -8.30 -23.08
CA ALA A 166 4.13 -9.71 -22.81
C ALA A 166 5.35 -10.41 -22.14
N HIS A 167 5.10 -11.28 -21.15
CA HIS A 167 6.11 -12.04 -20.41
C HIS A 167 7.14 -11.15 -19.67
N SER A 168 6.85 -9.84 -19.51
CA SER A 168 7.79 -8.98 -18.79
C SER A 168 7.68 -9.21 -17.28
N PHE A 169 8.61 -8.64 -16.51
CA PHE A 169 8.64 -8.82 -15.06
C PHE A 169 9.13 -7.54 -14.39
N SER A 170 8.47 -7.11 -13.33
CA SER A 170 8.95 -5.98 -12.53
C SER A 170 9.30 -6.54 -11.16
N GLY A 171 10.38 -6.03 -10.57
CA GLY A 171 10.80 -6.41 -9.23
C GLY A 171 9.94 -5.70 -8.20
N MET A 172 10.05 -6.10 -6.93
CA MET A 172 9.19 -5.50 -5.91
C MET A 172 9.51 -4.02 -5.69
N GLY A 173 8.47 -3.20 -5.57
CA GLY A 173 8.60 -1.77 -5.36
C GLY A 173 9.05 -0.98 -6.57
N SER A 174 8.92 -1.55 -7.78
CA SER A 174 9.33 -0.85 -9.01
C SER A 174 8.40 0.33 -9.30
N ALA A 175 8.94 1.46 -9.77
CA ALA A 175 8.14 2.62 -10.20
C ALA A 175 8.38 2.81 -11.68
N ILE A 176 7.36 2.43 -12.49
CA ILE A 176 7.43 2.41 -13.95
C ILE A 176 6.82 3.66 -14.56
N GLY A 177 7.65 4.42 -15.27
CA GLY A 177 7.27 5.67 -15.90
C GLY A 177 7.37 5.66 -17.42
N LYS A 178 7.98 4.62 -17.97
CA LYS A 178 8.15 4.42 -19.40
C LYS A 178 7.67 3.05 -19.76
N ASP A 179 7.56 2.76 -21.05
CA ASP A 179 7.11 1.46 -21.51
C ASP A 179 8.09 0.34 -21.18
N VAL A 180 7.56 -0.83 -20.80
CA VAL A 180 8.43 -1.97 -20.53
C VAL A 180 8.30 -2.89 -21.73
N PRO A 181 9.39 -3.11 -22.50
CA PRO A 181 9.29 -4.02 -23.65
C PRO A 181 8.99 -5.46 -23.23
N ALA A 182 8.40 -6.24 -24.13
CA ALA A 182 8.10 -7.65 -23.91
C ALA A 182 9.36 -8.39 -23.39
N TYR A 183 9.18 -9.32 -22.42
CA TYR A 183 10.24 -10.14 -21.78
C TYR A 183 11.23 -9.39 -20.88
N VAL A 184 11.20 -8.07 -20.87
CA VAL A 184 12.17 -7.30 -20.09
C VAL A 184 11.89 -7.37 -18.58
N THR A 185 12.98 -7.50 -17.77
CA THR A 185 12.90 -7.47 -16.31
C THR A 185 13.33 -6.06 -15.89
N VAL A 186 12.56 -5.41 -15.04
CA VAL A 186 12.79 -4.03 -14.57
C VAL A 186 12.74 -3.96 -13.05
N PHE A 187 13.61 -3.10 -12.46
CA PHE A 187 13.76 -2.96 -11.02
C PHE A 187 13.95 -1.52 -10.57
N GLY A 188 13.51 -1.22 -9.35
CA GLY A 188 13.75 0.06 -8.69
C GLY A 188 12.80 1.20 -8.96
N ASN A 189 13.09 2.33 -8.31
CA ASN A 189 12.32 3.55 -8.43
C ASN A 189 13.32 4.69 -8.67
N PRO A 190 13.45 5.22 -9.92
CA PRO A 190 12.74 4.84 -11.16
C PRO A 190 13.18 3.47 -11.70
N ALA A 191 12.27 2.76 -12.40
CA ALA A 191 12.55 1.44 -12.95
C ALA A 191 13.65 1.49 -13.98
N GLU A 192 14.51 0.47 -13.96
CA GLU A 192 15.63 0.33 -14.88
C GLU A 192 15.61 -1.09 -15.41
N ALA A 193 15.89 -1.25 -16.72
CA ALA A 193 15.95 -2.56 -17.38
C ALA A 193 17.20 -3.27 -16.92
N ARG A 194 17.07 -4.54 -16.61
CA ARG A 194 18.19 -5.34 -16.14
C ARG A 194 18.55 -6.44 -17.11
N SER A 195 17.55 -7.24 -17.51
CA SER A 195 17.76 -8.39 -18.36
C SER A 195 16.42 -8.81 -19.00
N MET A 196 16.29 -10.10 -19.30
CA MET A 196 15.07 -10.68 -19.81
C MET A 196 14.63 -11.83 -18.92
N ASN A 197 13.34 -12.13 -18.97
CA ASN A 197 12.73 -13.18 -18.18
C ASN A 197 12.87 -14.55 -18.87
N PHE A 198 14.11 -15.05 -18.92
CA PHE A 198 14.49 -16.33 -19.54
C PHE A 198 13.82 -17.50 -18.85
N GLU A 199 13.66 -17.37 -17.52
CA GLU A 199 13.00 -18.32 -16.63
C GLU A 199 11.56 -18.56 -17.15
N GLY A 200 10.83 -17.47 -17.39
CA GLY A 200 9.47 -17.46 -17.94
C GLY A 200 9.42 -18.12 -19.31
N MET A 201 10.40 -17.80 -20.19
CA MET A 201 10.47 -18.41 -21.53
C MET A 201 10.56 -19.92 -21.44
N ARG A 202 11.40 -20.42 -20.52
CA ARG A 202 11.62 -21.86 -20.35
C ARG A 202 10.39 -22.58 -19.82
N ARG A 203 9.70 -21.94 -18.86
CA ARG A 203 8.44 -22.46 -18.30
C ARG A 203 7.36 -22.53 -19.38
N ARG A 204 7.32 -21.52 -20.30
CA ARG A 204 6.41 -21.45 -21.45
C ARG A 204 6.75 -22.41 -22.60
N GLY A 205 7.91 -23.08 -22.53
CA GLY A 205 8.31 -24.03 -23.55
C GLY A 205 8.94 -23.46 -24.81
N PHE A 206 9.49 -22.22 -24.74
CA PHE A 206 10.18 -21.58 -25.87
C PHE A 206 11.37 -22.44 -26.29
N SER A 207 11.65 -22.52 -27.61
CA SER A 207 12.81 -23.27 -28.10
C SER A 207 14.10 -22.55 -27.68
N SER A 208 15.21 -23.31 -27.61
CA SER A 208 16.54 -22.76 -27.27
C SER A 208 16.95 -21.69 -28.30
N GLU A 209 16.56 -21.87 -29.59
CA GLU A 209 16.82 -20.96 -30.72
C GLU A 209 16.07 -19.63 -30.51
N ALA A 210 14.79 -19.69 -30.05
CA ALA A 210 14.01 -18.50 -29.79
C ALA A 210 14.59 -17.74 -28.59
N ILE A 211 15.05 -18.46 -27.55
CA ILE A 211 15.65 -17.87 -26.34
C ILE A 211 16.99 -17.21 -26.72
N HIS A 212 17.78 -17.89 -27.56
CA HIS A 212 19.06 -17.37 -28.04
C HIS A 212 18.84 -16.07 -28.83
N ALA A 213 17.83 -16.07 -29.72
CA ALA A 213 17.46 -14.90 -30.52
C ALA A 213 16.95 -13.75 -29.66
N LEU A 214 16.22 -14.03 -28.54
CA LEU A 214 15.77 -12.96 -27.66
C LEU A 214 16.90 -12.35 -26.83
N ARG A 215 17.87 -13.18 -26.41
CA ARG A 215 19.05 -12.69 -25.68
C ARG A 215 19.83 -11.72 -26.61
N ARG A 216 19.98 -12.08 -27.90
CA ARG A 216 20.67 -11.25 -28.90
C ARG A 216 19.88 -9.94 -29.13
N ALA A 217 18.54 -10.03 -29.19
CA ALA A 217 17.65 -8.88 -29.39
C ALA A 217 17.81 -7.82 -28.27
N TYR A 218 17.95 -8.28 -27.00
CA TYR A 218 18.14 -7.40 -25.83
C TYR A 218 19.44 -6.61 -25.99
N LYS A 219 20.50 -7.28 -26.42
CA LYS A 219 21.84 -6.69 -26.62
C LYS A 219 21.79 -5.59 -27.69
N VAL A 220 21.06 -5.82 -28.79
CA VAL A 220 20.87 -4.89 -29.91
C VAL A 220 20.18 -3.61 -29.40
N VAL A 221 19.14 -3.75 -28.57
CA VAL A 221 18.40 -2.62 -28.03
C VAL A 221 19.15 -1.88 -26.93
N TYR A 222 19.72 -2.62 -25.96
CA TYR A 222 20.29 -2.06 -24.75
C TYR A 222 21.80 -2.01 -24.56
N ARG A 223 22.58 -2.91 -25.18
CA ARG A 223 24.02 -2.98 -24.88
C ARG A 223 24.97 -2.56 -26.02
N GLN A 224 24.44 -2.14 -27.17
CA GLN A 224 25.25 -1.80 -28.35
C GLN A 224 25.18 -0.34 -28.83
N GLY A 225 24.77 0.57 -27.93
CA GLY A 225 24.68 2.01 -28.18
C GLY A 225 23.85 2.46 -29.37
N HIS A 226 22.83 1.67 -29.76
CA HIS A 226 21.96 1.99 -30.88
C HIS A 226 20.79 2.85 -30.46
N THR A 227 20.29 3.67 -31.40
CA THR A 227 19.08 4.48 -31.23
C THR A 227 17.92 3.52 -31.49
N VAL A 228 16.72 3.81 -30.97
CA VAL A 228 15.53 2.98 -31.15
C VAL A 228 15.25 2.72 -32.65
N GLU A 229 15.45 3.75 -33.52
CA GLU A 229 15.32 3.64 -34.97
C GLU A 229 16.30 2.58 -35.53
N GLU A 230 17.59 2.66 -35.13
CA GLU A 230 18.66 1.74 -35.53
C GLU A 230 18.41 0.31 -35.05
N ALA A 231 18.01 0.16 -33.77
CA ALA A 231 17.71 -1.13 -33.15
C ALA A 231 16.54 -1.83 -33.83
N LEU A 232 15.46 -1.10 -34.14
CA LEU A 232 14.29 -1.66 -34.83
C LEU A 232 14.64 -2.13 -36.26
N ALA A 233 15.59 -1.45 -36.91
CA ALA A 233 16.06 -1.81 -38.26
C ALA A 233 16.87 -3.12 -38.20
N GLU A 234 17.73 -3.27 -37.17
CA GLU A 234 18.59 -4.44 -36.97
C GLU A 234 17.79 -5.68 -36.52
N LEU A 235 16.63 -5.49 -35.84
CA LEU A 235 15.78 -6.57 -35.35
C LEU A 235 14.88 -7.17 -36.42
N ALA A 236 14.65 -6.40 -37.52
CA ALA A 236 13.74 -6.76 -38.62
C ALA A 236 13.87 -8.21 -39.10
N GLU A 237 15.10 -8.67 -39.37
CA GLU A 237 15.39 -10.02 -39.85
C GLU A 237 14.96 -11.12 -38.87
N SER A 238 15.43 -11.04 -37.61
CA SER A 238 15.11 -11.99 -36.53
C SER A 238 13.61 -12.08 -36.25
N ALA A 239 12.92 -10.92 -36.24
CA ALA A 239 11.48 -10.80 -35.99
C ALA A 239 10.65 -11.53 -37.07
N ALA A 240 11.12 -11.54 -38.33
CA ALA A 240 10.43 -12.22 -39.44
C ALA A 240 10.50 -13.75 -39.26
N GLN A 241 11.59 -14.23 -38.64
CA GLN A 241 11.86 -15.64 -38.42
C GLN A 241 11.30 -16.20 -37.11
N PHE A 242 11.35 -15.39 -36.03
CA PHE A 242 10.88 -15.79 -34.72
C PHE A 242 9.70 -14.97 -34.27
N PRO A 243 8.50 -15.60 -34.15
CA PRO A 243 7.31 -14.86 -33.70
C PRO A 243 7.57 -14.20 -32.32
N GLU A 244 8.37 -14.86 -31.47
CA GLU A 244 8.75 -14.36 -30.12
C GLU A 244 9.57 -13.05 -30.23
N VAL A 245 10.47 -12.95 -31.25
CA VAL A 245 11.27 -11.73 -31.47
C VAL A 245 10.37 -10.62 -32.05
N ALA A 246 9.37 -10.98 -32.88
CA ALA A 246 8.39 -10.02 -33.40
C ALA A 246 7.61 -9.36 -32.25
N VAL A 247 7.25 -10.15 -31.20
CA VAL A 247 6.57 -9.68 -29.99
C VAL A 247 7.46 -8.61 -29.30
N PHE A 248 8.76 -8.87 -29.21
CA PHE A 248 9.70 -7.92 -28.60
C PHE A 248 9.80 -6.66 -29.46
N ARG A 249 10.08 -6.84 -30.77
CA ARG A 249 10.18 -5.76 -31.76
C ARG A 249 8.94 -4.86 -31.76
N ASP A 250 7.72 -5.46 -31.78
CA ASP A 250 6.44 -4.74 -31.76
C ASP A 250 6.27 -3.88 -30.52
N SER A 251 6.70 -4.41 -29.35
CA SER A 251 6.61 -3.67 -28.10
C SER A 251 7.52 -2.42 -28.09
N ILE A 252 8.66 -2.45 -28.78
CA ILE A 252 9.53 -1.26 -28.84
C ILE A 252 8.95 -0.25 -29.83
N GLN A 253 8.47 -0.75 -30.97
CA GLN A 253 7.80 -0.01 -32.03
C GLN A 253 6.58 0.78 -31.48
N SER A 254 5.70 0.11 -30.71
CA SER A 254 4.50 0.67 -30.12
C SER A 254 4.74 1.53 -28.85
N ALA A 255 6.01 1.75 -28.44
CA ALA A 255 6.32 2.57 -27.26
C ALA A 255 6.10 4.07 -27.51
N THR A 256 5.19 4.69 -26.73
CA THR A 256 4.82 6.11 -26.86
C THR A 256 5.51 7.02 -25.83
N ARG A 257 5.99 6.44 -24.71
CA ARG A 257 6.67 7.17 -23.63
C ARG A 257 8.18 6.87 -23.61
N GLY A 258 8.67 6.21 -24.65
CA GLY A 258 10.04 5.74 -24.74
C GLY A 258 10.12 4.42 -24.00
N ILE A 259 11.27 3.75 -24.05
CA ILE A 259 11.36 2.47 -23.35
C ILE A 259 12.15 2.60 -22.04
N THR A 260 11.84 1.72 -21.06
CA THR A 260 12.53 1.67 -19.78
C THR A 260 13.97 1.18 -20.07
N ARG A 261 14.96 1.99 -19.68
CA ARG A 261 16.38 1.67 -19.87
C ARG A 261 17.10 1.50 -18.52
N MET B 4 -26.41 -6.85 25.77
CA MET B 4 -25.52 -6.97 24.61
C MET B 4 -24.53 -8.14 24.80
N SER B 5 -24.73 -9.23 24.04
CA SER B 5 -23.92 -10.46 24.07
C SER B 5 -22.48 -10.23 23.60
N LEU B 6 -21.54 -11.02 24.15
CA LEU B 6 -20.12 -10.95 23.79
C LEU B 6 -19.96 -11.33 22.30
N ILE B 7 -20.68 -12.35 21.85
CA ILE B 7 -20.70 -12.77 20.45
C ILE B 7 -21.92 -12.11 19.81
N ASP B 8 -21.66 -11.08 19.01
CA ASP B 8 -22.73 -10.33 18.32
C ASP B 8 -23.64 -11.29 17.50
N PRO B 9 -24.98 -11.20 17.63
CA PRO B 9 -25.85 -12.11 16.85
C PRO B 9 -25.74 -11.97 15.31
N ARG B 10 -25.13 -10.88 14.81
CA ARG B 10 -24.94 -10.63 13.37
C ARG B 10 -23.64 -11.26 12.82
N ALA B 11 -22.81 -11.82 13.70
CA ALA B 11 -21.60 -12.51 13.29
C ALA B 11 -21.97 -13.95 12.89
N ILE B 12 -21.13 -14.60 12.07
CA ILE B 12 -21.31 -16.00 11.68
C ILE B 12 -20.24 -16.81 12.39
N ILE B 13 -20.64 -17.74 13.26
CA ILE B 13 -19.68 -18.57 14.00
C ILE B 13 -19.92 -20.02 13.60
N ASP B 14 -18.93 -20.64 12.96
CA ASP B 14 -19.06 -22.03 12.50
C ASP B 14 -19.21 -22.97 13.72
N PRO B 15 -20.04 -24.04 13.67
CA PRO B 15 -20.17 -24.93 14.85
C PRO B 15 -18.88 -25.56 15.37
N SER B 16 -17.89 -25.84 14.47
CA SER B 16 -16.58 -26.43 14.85
C SER B 16 -15.61 -25.42 15.46
N ALA B 17 -15.92 -24.10 15.40
CA ALA B 17 -15.07 -23.10 16.03
C ALA B 17 -15.18 -23.27 17.55
N ARG B 18 -14.07 -23.02 18.26
CA ARG B 18 -13.99 -23.16 19.72
C ARG B 18 -13.50 -21.85 20.31
N LEU B 19 -14.40 -21.14 20.96
CA LEU B 19 -14.12 -19.83 21.55
C LEU B 19 -14.20 -19.93 23.06
N ALA B 20 -13.23 -19.30 23.76
CA ALA B 20 -13.22 -19.24 25.22
C ALA B 20 -14.43 -18.38 25.64
N ALA B 21 -15.00 -18.64 26.83
CA ALA B 21 -16.22 -18.01 27.33
C ALA B 21 -16.31 -16.45 27.19
N ASP B 22 -15.23 -15.71 27.46
CA ASP B 22 -15.28 -14.24 27.42
C ASP B 22 -14.86 -13.60 26.07
N VAL B 23 -14.69 -14.41 25.02
CA VAL B 23 -14.33 -13.90 23.70
C VAL B 23 -15.41 -12.95 23.14
N GLN B 24 -14.99 -11.79 22.61
CA GLN B 24 -15.91 -10.83 21.94
C GLN B 24 -15.74 -10.90 20.42
N VAL B 25 -16.88 -10.93 19.68
CA VAL B 25 -16.89 -10.92 18.22
C VAL B 25 -17.90 -9.83 17.79
N GLY B 26 -17.42 -8.87 17.00
CA GLY B 26 -18.23 -7.77 16.50
C GLY B 26 -19.20 -8.21 15.40
N PRO B 27 -20.11 -7.30 15.00
CA PRO B 27 -21.12 -7.65 13.97
C PRO B 27 -20.49 -7.91 12.58
N TRP B 28 -21.13 -8.78 11.79
CA TRP B 28 -20.74 -9.16 10.42
C TRP B 28 -19.33 -9.75 10.33
N SER B 29 -18.88 -10.41 11.41
CA SER B 29 -17.59 -11.09 11.35
C SER B 29 -17.84 -12.55 11.08
N ILE B 30 -16.86 -13.23 10.48
CA ILE B 30 -16.97 -14.64 10.18
C ILE B 30 -15.88 -15.36 10.94
N VAL B 31 -16.26 -16.34 11.75
CA VAL B 31 -15.27 -17.16 12.46
C VAL B 31 -15.47 -18.54 11.87
N GLY B 32 -14.59 -18.90 10.94
CA GLY B 32 -14.70 -20.13 10.16
C GLY B 32 -14.47 -21.40 10.94
N ALA B 33 -14.60 -22.52 10.24
CA ALA B 33 -14.39 -23.85 10.81
C ALA B 33 -12.94 -24.00 11.28
N GLU B 34 -12.72 -24.80 12.34
CA GLU B 34 -11.41 -25.11 12.94
C GLU B 34 -10.62 -23.86 13.42
N VAL B 35 -11.34 -22.82 13.86
CA VAL B 35 -10.74 -21.60 14.39
C VAL B 35 -10.93 -21.62 15.91
N GLU B 36 -9.82 -21.65 16.65
CA GLU B 36 -9.79 -21.64 18.11
C GLU B 36 -9.39 -20.23 18.57
N ILE B 37 -10.11 -19.67 19.56
CA ILE B 37 -9.85 -18.32 20.06
C ILE B 37 -9.85 -18.37 21.58
N GLY B 38 -8.72 -17.97 22.18
CA GLY B 38 -8.50 -17.97 23.62
C GLY B 38 -9.05 -16.75 24.35
N GLU B 39 -9.02 -16.82 25.69
CA GLU B 39 -9.55 -15.87 26.68
C GLU B 39 -9.12 -14.42 26.48
N GLY B 40 -10.08 -13.52 26.60
CA GLY B 40 -9.86 -12.07 26.52
C GLY B 40 -9.60 -11.54 25.13
N THR B 41 -9.68 -12.39 24.08
CA THR B 41 -9.47 -11.89 22.72
C THR B 41 -10.71 -11.12 22.26
N VAL B 42 -10.48 -9.99 21.58
CA VAL B 42 -11.55 -9.19 21.02
C VAL B 42 -11.41 -9.21 19.45
N ILE B 43 -12.47 -9.67 18.78
CA ILE B 43 -12.59 -9.70 17.31
C ILE B 43 -13.52 -8.55 16.97
N GLY B 44 -13.05 -7.63 16.14
CA GLY B 44 -13.84 -6.47 15.76
C GLY B 44 -14.92 -6.83 14.76
N PRO B 45 -15.60 -5.82 14.20
CA PRO B 45 -16.64 -6.10 13.19
C PRO B 45 -16.02 -6.30 11.80
N HIS B 46 -16.70 -6.97 10.86
CA HIS B 46 -16.20 -7.17 9.48
C HIS B 46 -14.84 -7.90 9.44
N VAL B 47 -14.65 -8.89 10.29
CA VAL B 47 -13.37 -9.61 10.31
C VAL B 47 -13.62 -10.95 9.68
N VAL B 48 -12.68 -11.46 8.91
CA VAL B 48 -12.80 -12.79 8.33
C VAL B 48 -11.71 -13.65 8.96
N LEU B 49 -12.11 -14.69 9.72
CA LEU B 49 -11.16 -15.60 10.35
C LEU B 49 -11.36 -16.97 9.73
N LYS B 50 -10.30 -17.52 9.16
CA LYS B 50 -10.36 -18.82 8.49
C LYS B 50 -9.34 -19.73 9.15
N GLY B 51 -9.66 -21.02 9.23
CA GLY B 51 -8.82 -21.99 9.89
C GLY B 51 -8.29 -23.07 8.98
N PRO B 52 -7.54 -24.09 9.51
CA PRO B 52 -7.15 -24.31 10.92
C PRO B 52 -6.25 -23.19 11.48
N THR B 53 -6.76 -22.46 12.46
CA THR B 53 -6.07 -21.33 13.08
C THR B 53 -6.25 -21.37 14.59
N LYS B 54 -5.17 -21.18 15.32
CA LYS B 54 -5.22 -21.07 16.76
C LYS B 54 -4.83 -19.64 17.12
N ILE B 55 -5.76 -18.91 17.75
CA ILE B 55 -5.49 -17.57 18.25
C ILE B 55 -5.44 -17.64 19.78
N GLY B 56 -4.39 -17.08 20.38
CA GLY B 56 -4.20 -17.09 21.82
C GLY B 56 -5.05 -16.11 22.62
N LYS B 57 -4.54 -15.76 23.80
CA LYS B 57 -5.21 -14.91 24.77
C LYS B 57 -4.96 -13.42 24.60
N HIS B 58 -5.96 -12.60 24.96
CA HIS B 58 -5.87 -11.14 24.98
C HIS B 58 -5.37 -10.51 23.68
N ASN B 59 -5.82 -11.03 22.52
CA ASN B 59 -5.50 -10.42 21.24
C ASN B 59 -6.59 -9.44 20.86
N ARG B 60 -6.29 -8.51 19.96
CA ARG B 60 -7.28 -7.58 19.39
C ARG B 60 -7.11 -7.64 17.86
N ILE B 61 -8.18 -7.99 17.12
CA ILE B 61 -8.17 -8.04 15.63
C ILE B 61 -9.18 -7.02 15.09
N TYR B 62 -8.69 -6.02 14.36
CA TYR B 62 -9.56 -4.96 13.85
C TYR B 62 -10.27 -5.31 12.54
N GLN B 63 -11.28 -4.49 12.20
CA GLN B 63 -12.15 -4.61 11.01
C GLN B 63 -11.40 -4.76 9.70
N PHE B 64 -11.99 -5.53 8.78
CA PHE B 64 -11.55 -5.72 7.39
C PHE B 64 -10.26 -6.55 7.27
N SER B 65 -9.91 -7.32 8.32
CA SER B 65 -8.75 -8.20 8.35
C SER B 65 -9.18 -9.54 7.85
N SER B 66 -8.26 -10.24 7.16
CA SER B 66 -8.46 -11.58 6.63
C SER B 66 -7.33 -12.39 7.24
N VAL B 67 -7.65 -13.14 8.28
CA VAL B 67 -6.68 -13.91 9.04
C VAL B 67 -6.93 -15.38 8.87
N GLY B 68 -5.93 -16.09 8.37
CA GLY B 68 -6.00 -17.53 8.20
C GLY B 68 -6.34 -17.95 6.80
N GLU B 69 -6.00 -17.11 5.83
CA GLU B 69 -6.25 -17.34 4.42
C GLU B 69 -5.38 -18.45 3.85
N ASP B 70 -5.88 -19.12 2.80
CA ASP B 70 -5.19 -20.14 2.03
C ASP B 70 -4.17 -19.39 1.17
N THR B 71 -3.09 -20.07 0.78
CA THR B 71 -2.07 -19.50 -0.09
C THR B 71 -2.60 -19.31 -1.57
N PRO B 72 -2.56 -18.07 -2.13
CA PRO B 72 -3.01 -17.88 -3.53
C PRO B 72 -1.99 -18.42 -4.53
N GLU B 79 -3.58 -31.36 2.29
CA GLU B 79 -2.48 -31.17 3.23
C GLU B 79 -2.89 -30.20 4.37
N PRO B 80 -2.82 -30.66 5.65
CA PRO B 80 -3.16 -29.76 6.77
C PRO B 80 -2.20 -28.59 6.86
N THR B 81 -2.76 -27.38 6.94
CA THR B 81 -2.03 -26.11 7.04
C THR B 81 -2.50 -25.44 8.33
N ARG B 82 -1.65 -24.61 8.94
CA ARG B 82 -2.02 -23.99 10.20
C ARG B 82 -1.50 -22.58 10.33
N LEU B 83 -2.18 -21.80 11.15
CA LEU B 83 -1.79 -20.46 11.55
C LEU B 83 -1.89 -20.42 13.07
N VAL B 84 -0.79 -20.05 13.73
CA VAL B 84 -0.76 -19.95 15.18
C VAL B 84 -0.39 -18.51 15.54
N ILE B 85 -1.24 -17.87 16.36
CA ILE B 85 -1.04 -16.52 16.88
C ILE B 85 -0.99 -16.64 18.40
N GLY B 86 0.04 -16.04 19.02
CA GLY B 86 0.25 -16.07 20.45
C GLY B 86 -0.70 -15.17 21.24
N ASP B 87 -0.19 -14.58 22.31
CA ASP B 87 -0.97 -13.74 23.21
C ASP B 87 -0.63 -12.25 23.09
N HIS B 88 -1.56 -11.36 23.51
CA HIS B 88 -1.35 -9.91 23.57
C HIS B 88 -0.90 -9.24 22.27
N ASN B 89 -1.40 -9.72 21.14
CA ASN B 89 -1.08 -9.11 19.85
C ASN B 89 -2.19 -8.14 19.42
N VAL B 90 -1.83 -7.13 18.63
CA VAL B 90 -2.77 -6.17 18.04
C VAL B 90 -2.58 -6.32 16.54
N ILE B 91 -3.67 -6.69 15.85
CA ILE B 91 -3.75 -6.84 14.40
C ILE B 91 -4.73 -5.74 13.94
N ARG B 92 -4.20 -4.71 13.25
CA ARG B 92 -5.01 -3.57 12.86
C ARG B 92 -5.85 -3.84 11.59
N GLU B 93 -6.55 -2.82 11.11
CA GLU B 93 -7.46 -2.90 9.98
C GLU B 93 -6.83 -3.37 8.69
N GLY B 94 -7.53 -4.22 7.96
CA GLY B 94 -7.11 -4.68 6.64
C GLY B 94 -5.89 -5.58 6.57
N VAL B 95 -5.40 -6.10 7.70
CA VAL B 95 -4.21 -6.96 7.68
C VAL B 95 -4.57 -8.29 7.06
N THR B 96 -3.64 -8.88 6.27
CA THR B 96 -3.85 -10.19 5.65
C THR B 96 -2.81 -11.16 6.16
N ILE B 97 -3.27 -12.31 6.67
CA ILE B 97 -2.36 -13.32 7.22
C ILE B 97 -2.67 -14.68 6.65
N HIS B 98 -1.70 -15.28 5.98
CA HIS B 98 -1.89 -16.58 5.36
C HIS B 98 -1.38 -17.68 6.26
N ARG B 99 -2.00 -18.86 6.16
CA ARG B 99 -1.57 -20.03 6.93
C ARG B 99 -0.30 -20.61 6.26
N GLY B 100 0.34 -21.57 6.93
CA GLY B 100 1.52 -22.27 6.44
C GLY B 100 1.42 -23.78 6.56
N THR B 101 2.23 -24.51 5.77
CA THR B 101 2.24 -25.99 5.74
C THR B 101 2.77 -26.63 7.06
N VAL B 102 2.00 -27.61 7.61
CA VAL B 102 2.27 -28.31 8.90
C VAL B 102 3.33 -29.41 8.76
N GLN B 103 3.19 -30.29 7.74
CA GLN B 103 4.10 -31.42 7.48
C GLN B 103 5.59 -31.06 7.48
N ASP B 104 5.96 -29.93 6.84
CA ASP B 104 7.35 -29.44 6.76
C ASP B 104 7.71 -28.47 7.91
N ARG B 105 6.85 -28.41 8.96
CA ARG B 105 6.97 -27.54 10.15
C ARG B 105 7.08 -26.04 9.79
N ALA B 106 6.47 -25.64 8.66
CA ALA B 106 6.49 -24.26 8.21
C ALA B 106 5.12 -23.59 8.39
N GLU B 107 4.39 -23.90 9.48
CA GLU B 107 3.10 -23.25 9.72
C GLU B 107 3.38 -21.75 9.91
N THR B 108 2.40 -20.86 9.64
CA THR B 108 2.63 -19.44 9.89
C THR B 108 2.53 -19.21 11.38
N THR B 109 3.55 -18.59 11.97
CA THR B 109 3.60 -18.37 13.42
C THR B 109 3.82 -16.91 13.79
N ILE B 110 3.03 -16.43 14.76
CA ILE B 110 3.19 -15.11 15.35
C ILE B 110 3.27 -15.32 16.86
N GLY B 111 4.27 -14.73 17.51
CA GLY B 111 4.46 -14.85 18.94
C GLY B 111 3.57 -13.94 19.77
N ASP B 112 4.16 -13.31 20.80
CA ASP B 112 3.41 -12.46 21.71
C ASP B 112 3.78 -11.01 21.62
N HIS B 113 2.87 -10.11 22.08
CA HIS B 113 3.08 -8.67 22.17
C HIS B 113 3.49 -7.99 20.86
N ASN B 114 3.02 -8.52 19.74
CA ASN B 114 3.29 -7.93 18.44
C ASN B 114 2.28 -6.89 18.08
N LEU B 115 2.70 -5.90 17.33
CA LEU B 115 1.80 -4.87 16.80
C LEU B 115 1.92 -4.92 15.27
N ILE B 116 0.85 -5.39 14.61
CA ILE B 116 0.77 -5.56 13.15
C ILE B 116 -0.23 -4.51 12.64
N MET B 117 0.32 -3.43 12.09
CA MET B 117 -0.45 -2.25 11.75
C MET B 117 -1.21 -2.37 10.42
N ALA B 118 -2.06 -1.38 10.15
CA ALA B 118 -3.00 -1.34 9.04
C ALA B 118 -2.42 -1.79 7.70
N TYR B 119 -3.10 -2.77 7.08
CA TYR B 119 -2.81 -3.31 5.73
C TYR B 119 -1.48 -4.02 5.58
N ALA B 120 -0.88 -4.44 6.70
CA ALA B 120 0.37 -5.22 6.63
C ALA B 120 -0.01 -6.62 6.10
N HIS B 121 0.93 -7.26 5.47
CA HIS B 121 0.74 -8.55 4.86
C HIS B 121 1.76 -9.57 5.39
N ILE B 122 1.26 -10.71 5.90
CA ILE B 122 2.11 -11.76 6.46
C ILE B 122 1.94 -12.99 5.58
N GLY B 123 2.89 -13.16 4.67
CA GLY B 123 2.90 -14.25 3.70
C GLY B 123 3.05 -15.59 4.36
N HIS B 124 2.61 -16.63 3.65
CA HIS B 124 2.65 -18.02 4.10
C HIS B 124 4.03 -18.43 4.63
N ASP B 125 4.02 -19.28 5.67
CA ASP B 125 5.21 -19.86 6.31
C ASP B 125 6.12 -18.82 7.00
N SER B 126 5.64 -17.58 7.20
CA SER B 126 6.42 -16.58 7.90
C SER B 126 6.34 -16.80 9.42
N VAL B 127 7.40 -16.41 10.13
CA VAL B 127 7.51 -16.57 11.57
C VAL B 127 7.84 -15.21 12.17
N ILE B 128 7.00 -14.72 13.06
CA ILE B 128 7.24 -13.46 13.77
C ILE B 128 7.43 -13.81 15.25
N GLY B 129 8.48 -13.25 15.86
CA GLY B 129 8.80 -13.46 17.26
C GLY B 129 7.89 -12.70 18.21
N ASN B 130 8.49 -12.04 19.19
CA ASN B 130 7.76 -11.30 20.21
C ASN B 130 8.16 -9.86 20.17
N HIS B 131 7.25 -8.96 20.58
CA HIS B 131 7.46 -7.52 20.67
C HIS B 131 7.87 -6.86 19.36
N CYS B 132 7.50 -7.44 18.22
CA CYS B 132 7.78 -6.86 16.91
C CYS B 132 6.75 -5.79 16.54
N ILE B 133 7.17 -4.81 15.75
CA ILE B 133 6.26 -3.77 15.20
C ILE B 133 6.38 -3.82 13.66
N LEU B 134 5.27 -4.15 12.96
CA LEU B 134 5.19 -4.15 11.49
C LEU B 134 4.30 -2.96 11.18
N VAL B 135 4.90 -1.83 10.79
CA VAL B 135 4.15 -0.61 10.53
C VAL B 135 3.25 -0.76 9.24
N ASN B 136 2.28 0.15 9.04
CA ASN B 136 1.35 0.13 7.92
C ASN B 136 1.94 -0.36 6.61
N ASN B 137 1.27 -1.35 5.99
CA ASN B 137 1.64 -1.82 4.64
C ASN B 137 2.98 -2.50 4.54
N THR B 138 3.46 -3.04 5.67
CA THR B 138 4.70 -3.82 5.62
C THR B 138 4.29 -5.12 4.96
N ALA B 139 5.11 -5.64 4.05
CA ALA B 139 4.72 -6.87 3.40
C ALA B 139 5.84 -7.92 3.43
N LEU B 140 5.55 -9.07 4.06
CA LEU B 140 6.44 -10.22 4.15
C LEU B 140 6.00 -11.17 3.02
N ALA B 141 6.80 -11.27 1.97
CA ALA B 141 6.43 -12.08 0.78
C ALA B 141 6.11 -13.55 1.09
N GLY B 142 6.85 -14.17 2.01
CA GLY B 142 6.63 -15.55 2.40
C GLY B 142 7.92 -16.13 2.95
N HIS B 143 7.81 -17.14 3.84
CA HIS B 143 8.95 -17.78 4.50
C HIS B 143 9.90 -16.74 5.13
N VAL B 144 9.36 -15.65 5.66
CA VAL B 144 10.16 -14.60 6.29
C VAL B 144 10.22 -14.84 7.79
N HIS B 145 11.43 -14.74 8.38
CA HIS B 145 11.59 -14.89 9.83
C HIS B 145 11.92 -13.53 10.41
N VAL B 146 11.09 -13.04 11.32
CA VAL B 146 11.28 -11.76 12.00
C VAL B 146 11.52 -12.08 13.48
N ASP B 147 12.77 -11.83 13.95
CA ASP B 147 13.16 -12.07 15.33
C ASP B 147 12.68 -10.96 16.28
N ASP B 148 12.70 -11.22 17.60
CA ASP B 148 12.18 -10.33 18.65
C ASP B 148 12.58 -8.88 18.51
N TRP B 149 11.65 -7.96 18.83
CA TRP B 149 11.85 -6.52 18.88
C TRP B 149 12.20 -5.84 17.57
N ALA B 150 12.02 -6.50 16.41
CA ALA B 150 12.32 -5.84 15.15
C ALA B 150 11.25 -4.79 14.86
N ILE B 151 11.65 -3.67 14.27
CA ILE B 151 10.70 -2.63 13.84
C ILE B 151 10.84 -2.53 12.32
N LEU B 152 9.73 -2.77 11.56
CA LEU B 152 9.73 -2.60 10.12
C LEU B 152 8.84 -1.40 9.85
N SER B 153 9.46 -0.26 9.43
CA SER B 153 8.73 0.98 9.19
C SER B 153 7.72 0.84 8.05
N GLY B 154 6.87 1.84 7.93
CA GLY B 154 5.81 1.88 6.95
C GLY B 154 6.27 1.49 5.56
N TYR B 155 5.52 0.57 4.95
CA TYR B 155 5.73 0.15 3.56
C TYR B 155 7.07 -0.57 3.32
N THR B 156 7.57 -1.30 4.35
CA THR B 156 8.77 -2.10 4.19
C THR B 156 8.36 -3.38 3.43
N LEU B 157 9.11 -3.74 2.40
CA LEU B 157 8.86 -4.96 1.62
C LEU B 157 9.97 -5.97 1.89
N VAL B 158 9.61 -7.20 2.21
CA VAL B 158 10.61 -8.21 2.51
C VAL B 158 10.51 -9.37 1.53
N HIS B 159 11.59 -9.63 0.77
CA HIS B 159 11.73 -10.73 -0.20
C HIS B 159 11.55 -12.05 0.55
N GLN B 160 10.98 -13.06 -0.12
CA GLN B 160 10.81 -14.41 0.42
C GLN B 160 12.13 -14.96 0.99
N TYR B 161 12.05 -15.77 2.08
CA TYR B 161 13.19 -16.46 2.72
C TYR B 161 14.13 -15.55 3.55
N CYS B 162 13.91 -14.23 3.52
CA CYS B 162 14.72 -13.29 4.29
C CYS B 162 14.53 -13.44 5.80
N ARG B 163 15.60 -13.20 6.54
CA ARG B 163 15.61 -13.22 7.99
C ARG B 163 15.86 -11.78 8.44
N ILE B 164 15.02 -11.30 9.35
CA ILE B 164 15.10 -9.99 9.97
C ILE B 164 15.52 -10.23 11.43
N GLY B 165 16.73 -9.75 11.75
CA GLY B 165 17.34 -9.94 13.05
C GLY B 165 16.67 -9.23 14.20
N ALA B 166 16.90 -9.75 15.42
CA ALA B 166 16.38 -9.19 16.67
C ALA B 166 16.82 -7.74 16.81
N HIS B 167 15.90 -6.85 17.26
CA HIS B 167 16.17 -5.41 17.49
C HIS B 167 16.61 -4.65 16.23
N SER B 168 16.43 -5.24 15.06
CA SER B 168 16.78 -4.52 13.83
C SER B 168 15.69 -3.50 13.49
N PHE B 169 15.99 -2.61 12.54
CA PHE B 169 15.11 -1.53 12.12
C PHE B 169 15.22 -1.28 10.61
N SER B 170 14.07 -1.11 9.93
CA SER B 170 14.09 -0.71 8.54
C SER B 170 13.41 0.67 8.43
N GLY B 171 13.95 1.54 7.59
CA GLY B 171 13.37 2.85 7.34
C GLY B 171 12.13 2.73 6.46
N MET B 172 11.33 3.82 6.36
CA MET B 172 10.09 3.74 5.55
C MET B 172 10.36 3.49 4.04
N GLY B 173 9.54 2.61 3.46
CA GLY B 173 9.66 2.24 2.05
C GLY B 173 10.87 1.39 1.71
N SER B 174 11.47 0.71 2.72
CA SER B 174 12.65 -0.14 2.45
C SER B 174 12.28 -1.40 1.68
N ALA B 175 13.17 -1.85 0.77
CA ALA B 175 12.91 -3.08 0.03
C ALA B 175 14.09 -4.02 0.33
N ILE B 176 13.81 -5.00 1.16
CA ILE B 176 14.80 -5.93 1.70
C ILE B 176 14.84 -7.22 0.87
N GLY B 177 16.01 -7.49 0.29
CA GLY B 177 16.25 -8.68 -0.52
C GLY B 177 17.23 -9.66 0.11
N LYS B 178 17.96 -9.18 1.11
CA LYS B 178 18.98 -9.96 1.83
C LYS B 178 18.67 -9.97 3.33
N ASP B 179 19.34 -10.84 4.08
CA ASP B 179 19.15 -10.92 5.51
C ASP B 179 19.57 -9.65 6.24
N VAL B 180 18.80 -9.24 7.25
CA VAL B 180 19.15 -8.07 8.05
C VAL B 180 19.72 -8.62 9.36
N PRO B 181 21.00 -8.34 9.66
CA PRO B 181 21.56 -8.83 10.94
C PRO B 181 20.88 -8.15 12.12
N ALA B 182 20.93 -8.80 13.29
CA ALA B 182 20.37 -8.25 14.52
C ALA B 182 20.92 -6.86 14.76
N TYR B 183 20.06 -5.94 15.28
CA TYR B 183 20.35 -4.54 15.64
C TYR B 183 20.58 -3.61 14.44
N VAL B 184 20.78 -4.14 13.25
CA VAL B 184 21.14 -3.30 12.12
C VAL B 184 19.98 -2.44 11.62
N THR B 185 20.30 -1.18 11.25
CA THR B 185 19.34 -0.24 10.64
C THR B 185 19.54 -0.29 9.12
N VAL B 186 18.44 -0.49 8.34
CA VAL B 186 18.49 -0.58 6.87
C VAL B 186 17.53 0.43 6.24
N PHE B 187 17.95 1.03 5.09
CA PHE B 187 17.16 2.05 4.39
C PHE B 187 17.27 1.93 2.88
N GLY B 188 16.19 2.36 2.21
CA GLY B 188 16.08 2.45 0.78
C GLY B 188 15.64 1.23 0.00
N ASN B 189 15.57 1.43 -1.32
CA ASN B 189 15.24 0.38 -2.25
C ASN B 189 16.32 0.38 -3.35
N PRO B 190 17.23 -0.61 -3.41
CA PRO B 190 17.39 -1.76 -2.48
C PRO B 190 17.90 -1.30 -1.09
N ALA B 191 17.57 -2.07 -0.04
CA ALA B 191 17.98 -1.73 1.32
C ALA B 191 19.50 -1.75 1.48
N GLU B 192 20.02 -0.79 2.26
CA GLU B 192 21.45 -0.68 2.56
C GLU B 192 21.59 -0.50 4.07
N ALA B 193 22.59 -1.17 4.67
CA ALA B 193 22.86 -1.06 6.08
C ALA B 193 23.42 0.34 6.36
N ARG B 194 23.00 0.96 7.46
CA ARG B 194 23.47 2.30 7.79
C ARG B 194 24.23 2.34 9.11
N SER B 195 23.65 1.76 10.16
CA SER B 195 24.22 1.78 11.50
C SER B 195 23.57 0.66 12.31
N MET B 196 23.52 0.87 13.63
CA MET B 196 22.83 -0.01 14.54
C MET B 196 21.79 0.78 15.29
N ASN B 197 20.76 0.08 15.78
CA ASN B 197 19.70 0.73 16.53
C ASN B 197 20.11 0.86 18.01
N PHE B 198 20.99 1.84 18.31
CA PHE B 198 21.50 2.14 19.67
C PHE B 198 20.39 2.63 20.57
N GLU B 199 19.41 3.37 19.99
CA GLU B 199 18.23 3.90 20.67
C GLU B 199 17.41 2.78 21.28
N GLY B 200 17.19 1.73 20.51
CA GLY B 200 16.50 0.51 20.92
C GLY B 200 17.22 -0.21 22.05
N MET B 201 18.57 -0.31 21.95
CA MET B 201 19.42 -0.92 22.98
C MET B 201 19.24 -0.19 24.31
N ARG B 202 19.25 1.16 24.29
CA ARG B 202 19.08 1.97 25.48
C ARG B 202 17.69 1.81 26.12
N ARG B 203 16.64 1.64 25.30
CA ARG B 203 15.30 1.39 25.81
C ARG B 203 15.19 0.01 26.46
N ARG B 204 15.89 -0.99 25.90
CA ARG B 204 15.91 -2.36 26.42
C ARG B 204 16.77 -2.55 27.67
N GLY B 205 17.50 -1.50 28.07
CA GLY B 205 18.39 -1.52 29.23
C GLY B 205 19.69 -2.26 29.00
N PHE B 206 20.25 -2.22 27.77
CA PHE B 206 21.55 -2.86 27.51
C PHE B 206 22.61 -2.03 28.24
N SER B 207 23.65 -2.68 28.78
CA SER B 207 24.71 -1.93 29.46
C SER B 207 25.55 -1.11 28.46
N SER B 208 26.24 -0.06 28.95
CA SER B 208 27.13 0.78 28.15
C SER B 208 28.21 -0.09 27.46
N GLU B 209 28.71 -1.13 28.18
CA GLU B 209 29.72 -2.08 27.72
C GLU B 209 29.21 -2.96 26.58
N ALA B 210 27.95 -3.42 26.65
CA ALA B 210 27.31 -4.25 25.63
C ALA B 210 27.10 -3.42 24.35
N ILE B 211 26.65 -2.15 24.50
CA ILE B 211 26.44 -1.21 23.39
C ILE B 211 27.78 -0.94 22.70
N HIS B 212 28.85 -0.70 23.50
CA HIS B 212 30.21 -0.47 23.04
C HIS B 212 30.71 -1.63 22.19
N ALA B 213 30.50 -2.88 22.66
CA ALA B 213 30.91 -4.11 21.98
C ALA B 213 30.10 -4.33 20.68
N LEU B 214 28.81 -3.95 20.67
CA LEU B 214 27.99 -4.05 19.46
C LEU B 214 28.44 -3.01 18.41
N ARG B 215 28.77 -1.79 18.85
CA ARG B 215 29.25 -0.72 17.98
C ARG B 215 30.58 -1.14 17.33
N ARG B 216 31.47 -1.83 18.10
CA ARG B 216 32.74 -2.35 17.58
C ARG B 216 32.46 -3.53 16.61
N ALA B 217 31.46 -4.37 16.93
CA ALA B 217 31.06 -5.52 16.10
C ALA B 217 30.51 -5.07 14.74
N TYR B 218 29.77 -3.91 14.70
CA TYR B 218 29.28 -3.36 13.44
C TYR B 218 30.49 -3.00 12.54
N LYS B 219 31.49 -2.26 13.06
CA LYS B 219 32.70 -1.85 12.33
C LYS B 219 33.45 -3.05 11.74
N VAL B 220 33.57 -4.14 12.53
CA VAL B 220 34.23 -5.39 12.12
C VAL B 220 33.57 -5.97 10.85
N VAL B 221 32.22 -6.03 10.85
CA VAL B 221 31.46 -6.58 9.72
C VAL B 221 31.42 -5.65 8.51
N TYR B 222 31.17 -4.35 8.72
CA TYR B 222 30.92 -3.39 7.64
C TYR B 222 31.97 -2.36 7.27
N ARG B 223 32.88 -1.97 8.18
CA ARG B 223 33.78 -0.84 7.88
C ARG B 223 35.27 -1.17 7.83
N GLN B 224 35.63 -2.45 7.92
CA GLN B 224 37.04 -2.81 7.96
C GLN B 224 37.48 -3.73 6.80
N GLY B 225 36.69 -3.75 5.72
CA GLY B 225 36.94 -4.53 4.52
C GLY B 225 37.14 -6.02 4.70
N HIS B 226 36.58 -6.59 5.77
CA HIS B 226 36.65 -8.03 6.04
C HIS B 226 35.61 -8.78 5.23
N THR B 227 35.87 -10.08 4.96
CA THR B 227 34.90 -10.96 4.32
C THR B 227 33.98 -11.42 5.46
N VAL B 228 32.86 -12.08 5.15
CA VAL B 228 31.93 -12.59 6.18
C VAL B 228 32.67 -13.62 7.05
N GLU B 229 33.45 -14.53 6.40
CA GLU B 229 34.26 -15.56 7.07
C GLU B 229 35.27 -14.94 8.07
N GLU B 230 35.97 -13.86 7.65
CA GLU B 230 36.96 -13.13 8.46
C GLU B 230 36.30 -12.41 9.63
N ALA B 231 35.15 -11.73 9.34
CA ALA B 231 34.36 -11.00 10.35
C ALA B 231 33.88 -11.95 11.44
N LEU B 232 33.29 -13.12 11.07
CA LEU B 232 32.78 -14.12 12.01
C LEU B 232 33.88 -14.65 12.96
N ALA B 233 35.11 -14.85 12.45
CA ALA B 233 36.23 -15.30 13.27
C ALA B 233 36.65 -14.21 14.27
N GLU B 234 36.67 -12.93 13.83
CA GLU B 234 37.05 -11.78 14.65
C GLU B 234 36.04 -11.48 15.77
N LEU B 235 34.74 -11.82 15.58
CA LEU B 235 33.68 -11.61 16.56
C LEU B 235 33.55 -12.72 17.60
N ALA B 236 34.16 -13.90 17.33
CA ALA B 236 34.09 -15.09 18.20
C ALA B 236 34.37 -14.81 19.69
N GLU B 237 35.45 -14.04 19.97
CA GLU B 237 35.89 -13.64 21.31
C GLU B 237 34.83 -12.78 22.03
N SER B 238 34.38 -11.68 21.39
CA SER B 238 33.35 -10.78 21.94
C SER B 238 31.98 -11.46 22.12
N ALA B 239 31.63 -12.43 21.24
CA ALA B 239 30.36 -13.16 21.31
C ALA B 239 30.24 -14.04 22.56
N ALA B 240 31.35 -14.68 22.98
CA ALA B 240 31.38 -15.52 24.19
C ALA B 240 31.24 -14.67 25.47
N GLN B 241 31.65 -13.40 25.40
CA GLN B 241 31.62 -12.48 26.54
C GLN B 241 30.29 -11.74 26.67
N PHE B 242 29.70 -11.31 25.54
CA PHE B 242 28.43 -10.59 25.56
C PHE B 242 27.35 -11.36 24.81
N PRO B 243 26.30 -11.89 25.51
CA PRO B 243 25.22 -12.62 24.80
C PRO B 243 24.59 -11.84 23.64
N GLU B 244 24.54 -10.48 23.74
CA GLU B 244 24.00 -9.56 22.72
C GLU B 244 24.85 -9.60 21.45
N VAL B 245 26.19 -9.68 21.61
CA VAL B 245 27.11 -9.77 20.47
C VAL B 245 26.96 -11.16 19.83
N ALA B 246 26.72 -12.21 20.65
CA ALA B 246 26.47 -13.56 20.15
C ALA B 246 25.15 -13.57 19.30
N VAL B 247 24.13 -12.75 19.66
CA VAL B 247 22.87 -12.56 18.90
C VAL B 247 23.26 -11.98 17.52
N PHE B 248 24.12 -10.93 17.52
CA PHE B 248 24.59 -10.32 16.29
C PHE B 248 25.41 -11.29 15.40
N ARG B 249 26.35 -12.07 16.01
CA ARG B 249 27.19 -13.05 15.31
CA ARG B 249 27.19 -13.05 15.30
C ARG B 249 26.36 -14.21 14.73
N ASP B 250 25.40 -14.76 15.52
CA ASP B 250 24.50 -15.85 15.10
C ASP B 250 23.63 -15.46 13.91
N SER B 251 23.16 -14.20 13.85
CA SER B 251 22.33 -13.72 12.73
C SER B 251 23.14 -13.65 11.44
N ILE B 252 24.46 -13.32 11.52
CA ILE B 252 25.32 -13.32 10.34
C ILE B 252 25.64 -14.77 9.91
N GLN B 253 25.83 -15.67 10.88
CA GLN B 253 26.12 -17.09 10.67
C GLN B 253 24.97 -17.82 9.97
N SER B 254 23.74 -17.48 10.34
CA SER B 254 22.54 -18.10 9.81
C SER B 254 21.97 -17.37 8.55
N ALA B 255 22.74 -16.44 7.97
CA ALA B 255 22.31 -15.69 6.77
C ALA B 255 22.51 -16.53 5.48
N THR B 256 21.39 -17.01 4.87
CA THR B 256 21.43 -17.85 3.65
C THR B 256 21.45 -17.03 2.34
N ARG B 257 20.88 -15.80 2.37
CA ARG B 257 20.81 -14.91 1.20
C ARG B 257 21.86 -13.77 1.26
N GLY B 258 22.88 -13.93 2.12
CA GLY B 258 23.91 -12.93 2.36
C GLY B 258 23.36 -11.84 3.26
N ILE B 259 24.21 -10.88 3.66
CA ILE B 259 23.72 -9.82 4.54
C ILE B 259 23.53 -8.53 3.78
N THR B 260 22.60 -7.68 4.25
CA THR B 260 22.35 -6.35 3.69
C THR B 260 23.60 -5.52 3.99
N ARG B 261 24.18 -4.89 2.98
CA ARG B 261 25.40 -4.10 3.16
C ARG B 261 25.23 -2.59 3.01
N MET C 4 -37.05 3.51 0.59
CA MET C 4 -35.92 3.14 1.45
C MET C 4 -35.43 4.32 2.31
N SER C 5 -35.31 4.10 3.64
CA SER C 5 -34.85 5.08 4.64
C SER C 5 -33.46 5.64 4.33
N LEU C 6 -33.21 6.90 4.71
CA LEU C 6 -31.90 7.56 4.53
C LEU C 6 -30.82 6.82 5.33
N ILE C 7 -31.19 6.37 6.54
CA ILE C 7 -30.31 5.56 7.39
C ILE C 7 -30.78 4.16 7.10
N ASP C 8 -29.91 3.32 6.51
CA ASP C 8 -30.27 1.95 6.18
C ASP C 8 -30.60 1.20 7.50
N PRO C 9 -31.68 0.39 7.58
CA PRO C 9 -31.98 -0.34 8.84
C PRO C 9 -30.92 -1.37 9.27
N ARG C 10 -29.95 -1.68 8.40
CA ARG C 10 -28.85 -2.62 8.73
C ARG C 10 -27.62 -1.90 9.31
N ALA C 11 -27.63 -0.57 9.33
CA ALA C 11 -26.57 0.24 9.90
C ALA C 11 -26.77 0.34 11.44
N ILE C 12 -25.67 0.64 12.15
CA ILE C 12 -25.67 0.80 13.61
C ILE C 12 -25.36 2.25 13.91
N ILE C 13 -26.30 2.95 14.54
CA ILE C 13 -26.13 4.35 14.94
C ILE C 13 -26.13 4.37 16.45
N ASP C 14 -25.01 4.81 17.02
CA ASP C 14 -24.88 4.94 18.46
C ASP C 14 -25.84 6.03 18.98
N PRO C 15 -26.54 5.78 20.12
CA PRO C 15 -27.47 6.81 20.62
C PRO C 15 -26.81 8.18 20.95
N SER C 16 -25.49 8.25 21.20
CA SER C 16 -24.77 9.52 21.43
C SER C 16 -24.37 10.26 20.12
N ALA C 17 -24.45 9.57 18.96
CA ALA C 17 -24.12 10.18 17.67
C ALA C 17 -25.17 11.29 17.34
N ARG C 18 -24.73 12.43 16.76
CA ARG C 18 -25.65 13.55 16.38
C ARG C 18 -25.60 13.69 14.86
N LEU C 19 -26.73 13.50 14.20
CA LEU C 19 -26.77 13.54 12.75
C LEU C 19 -27.75 14.59 12.24
N ALA C 20 -27.41 15.25 11.13
CA ALA C 20 -28.37 16.17 10.50
C ALA C 20 -29.48 15.28 9.89
N ALA C 21 -30.67 15.83 9.72
CA ALA C 21 -31.83 15.05 9.29
C ALA C 21 -31.66 14.33 7.95
N ASP C 22 -31.03 14.96 6.94
CA ASP C 22 -30.86 14.34 5.62
C ASP C 22 -29.57 13.46 5.46
N VAL C 23 -28.86 13.12 6.56
CA VAL C 23 -27.66 12.26 6.44
C VAL C 23 -28.04 10.85 5.93
N GLN C 24 -27.25 10.31 4.98
CA GLN C 24 -27.47 8.96 4.46
C GLN C 24 -26.42 8.03 5.02
N VAL C 25 -26.86 6.86 5.48
CA VAL C 25 -25.92 5.88 6.01
C VAL C 25 -26.26 4.54 5.38
N GLY C 26 -25.30 3.96 4.69
CA GLY C 26 -25.47 2.69 3.98
C GLY C 26 -25.53 1.47 4.88
N PRO C 27 -25.88 0.28 4.33
CA PRO C 27 -25.97 -0.93 5.18
C PRO C 27 -24.63 -1.36 5.80
N TRP C 28 -24.69 -2.01 6.99
CA TRP C 28 -23.53 -2.57 7.72
C TRP C 28 -22.48 -1.52 8.07
N SER C 29 -22.91 -0.28 8.24
CA SER C 29 -21.97 0.77 8.61
C SER C 29 -22.16 1.06 10.09
N ILE C 30 -21.09 1.48 10.76
CA ILE C 30 -21.17 1.83 12.17
C ILE C 30 -20.87 3.31 12.34
N VAL C 31 -21.83 4.03 12.95
CA VAL C 31 -21.64 5.43 13.31
C VAL C 31 -21.50 5.37 14.84
N GLY C 32 -20.27 5.41 15.31
CA GLY C 32 -19.97 5.24 16.72
C GLY C 32 -20.33 6.40 17.63
N ALA C 33 -20.08 6.16 18.90
CA ALA C 33 -20.28 7.11 19.98
C ALA C 33 -19.51 8.39 19.69
N GLU C 34 -20.14 9.53 19.97
CA GLU C 34 -19.54 10.87 19.84
C GLU C 34 -19.17 11.25 18.40
N VAL C 35 -19.88 10.68 17.42
CA VAL C 35 -19.68 11.05 16.01
C VAL C 35 -20.77 12.09 15.65
N GLU C 36 -20.36 13.22 15.07
CA GLU C 36 -21.29 14.27 14.62
C GLU C 36 -21.16 14.35 13.08
N ILE C 37 -22.32 14.29 12.33
CA ILE C 37 -22.32 14.29 10.85
C ILE C 37 -23.27 15.39 10.34
N GLY C 38 -22.74 16.28 9.51
CA GLY C 38 -23.46 17.40 8.94
C GLY C 38 -24.30 17.09 7.71
N GLU C 39 -25.14 18.05 7.38
CA GLU C 39 -26.12 18.06 6.30
C GLU C 39 -25.56 17.61 4.94
N GLY C 40 -26.27 16.70 4.29
CA GLY C 40 -25.94 16.24 2.95
C GLY C 40 -24.79 15.26 2.83
N THR C 41 -24.22 14.80 3.98
CA THR C 41 -23.14 13.82 3.99
C THR C 41 -23.71 12.46 3.67
N VAL C 42 -22.94 11.69 2.92
CA VAL C 42 -23.31 10.36 2.50
C VAL C 42 -22.27 9.36 3.01
N ILE C 43 -22.72 8.50 3.90
CA ILE C 43 -21.87 7.44 4.44
C ILE C 43 -22.21 6.19 3.65
N GLY C 44 -21.21 5.59 3.01
CA GLY C 44 -21.42 4.41 2.18
C GLY C 44 -21.66 3.18 3.02
N PRO C 45 -21.72 1.98 2.40
CA PRO C 45 -21.88 0.76 3.20
C PRO C 45 -20.54 0.33 3.81
N HIS C 46 -20.53 -0.59 4.81
CA HIS C 46 -19.29 -1.12 5.40
C HIS C 46 -18.29 -0.05 5.91
N VAL C 47 -18.79 1.06 6.43
CA VAL C 47 -17.93 2.13 6.91
C VAL C 47 -17.86 2.08 8.44
N VAL C 48 -16.68 2.30 9.03
CA VAL C 48 -16.57 2.38 10.50
C VAL C 48 -16.21 3.81 10.87
N LEU C 49 -17.08 4.48 11.64
CA LEU C 49 -16.83 5.84 12.10
C LEU C 49 -16.74 5.78 13.61
N LYS C 50 -15.66 6.32 14.14
CA LYS C 50 -15.44 6.34 15.58
C LYS C 50 -15.18 7.77 16.02
N GLY C 51 -15.54 8.07 17.26
CA GLY C 51 -15.42 9.42 17.80
C GLY C 51 -14.51 9.61 18.98
N PRO C 52 -14.37 10.86 19.49
CA PRO C 52 -15.08 12.10 19.08
C PRO C 52 -14.60 12.65 17.74
N THR C 53 -15.55 12.71 16.79
CA THR C 53 -15.32 13.13 15.42
C THR C 53 -16.43 14.06 14.93
N LYS C 54 -16.05 15.11 14.23
CA LYS C 54 -17.02 16.00 13.59
C LYS C 54 -16.80 15.90 12.07
N ILE C 55 -17.87 15.51 11.34
CA ILE C 55 -17.89 15.41 9.87
C ILE C 55 -18.87 16.49 9.43
N GLY C 56 -18.40 17.38 8.56
CA GLY C 56 -19.20 18.51 8.10
C GLY C 56 -20.22 18.14 7.03
N LYS C 57 -20.50 19.12 6.18
CA LYS C 57 -21.53 19.04 5.17
C LYS C 57 -21.05 18.55 3.81
N HIS C 58 -21.93 17.84 3.10
CA HIS C 58 -21.71 17.35 1.73
C HIS C 58 -20.48 16.50 1.52
N ASN C 59 -20.18 15.62 2.47
CA ASN C 59 -19.04 14.72 2.41
C ASN C 59 -19.48 13.37 1.85
N ARG C 60 -18.54 12.61 1.29
CA ARG C 60 -18.82 11.27 0.79
C ARG C 60 -17.74 10.39 1.36
N ILE C 61 -18.15 9.35 2.11
CA ILE C 61 -17.21 8.42 2.74
C ILE C 61 -17.52 7.04 2.22
N TYR C 62 -16.55 6.42 1.53
CA TYR C 62 -16.76 5.14 0.86
C TYR C 62 -16.50 3.94 1.75
N GLN C 63 -16.97 2.76 1.31
CA GLN C 63 -16.80 1.45 1.94
C GLN C 63 -15.40 1.16 2.46
N PHE C 64 -15.35 0.38 3.57
CA PHE C 64 -14.13 -0.18 4.17
C PHE C 64 -13.17 0.87 4.73
N SER C 65 -13.63 2.10 4.91
CA SER C 65 -12.88 3.19 5.55
C SER C 65 -13.07 3.10 7.07
N SER C 66 -12.05 3.51 7.81
CA SER C 66 -12.05 3.57 9.28
C SER C 66 -11.65 5.00 9.61
N VAL C 67 -12.64 5.79 9.91
CA VAL C 67 -12.46 7.21 10.13
C VAL C 67 -12.70 7.51 11.62
N GLY C 68 -11.66 8.02 12.28
CA GLY C 68 -11.70 8.40 13.68
C GLY C 68 -11.17 7.37 14.66
N GLU C 69 -10.27 6.50 14.22
CA GLU C 69 -9.66 5.47 15.06
CA GLU C 69 -9.70 5.48 15.09
C GLU C 69 -8.65 6.05 16.04
N ASP C 70 -8.32 5.28 17.10
CA ASP C 70 -7.33 5.64 18.10
C ASP C 70 -5.99 5.32 17.43
N THR C 71 -4.94 6.09 17.77
CA THR C 71 -3.56 5.88 17.30
C THR C 71 -3.04 4.52 17.88
N PRO C 72 -2.31 3.67 17.10
CA PRO C 72 -1.85 2.37 17.65
C PRO C 72 -0.65 2.53 18.58
N TYR C 76 -2.43 9.37 28.73
CA TYR C 76 -3.20 8.82 29.84
C TYR C 76 -4.62 8.40 29.42
N LYS C 77 -5.28 7.57 30.26
CA LYS C 77 -6.65 7.08 30.03
C LYS C 77 -7.68 8.21 30.23
N GLY C 78 -8.45 8.47 29.18
CA GLY C 78 -9.49 9.50 29.18
C GLY C 78 -9.08 10.85 28.66
N GLU C 79 -7.87 10.95 28.03
CA GLU C 79 -7.39 12.20 27.45
C GLU C 79 -8.25 12.52 26.21
N PRO C 80 -8.84 13.73 26.11
CA PRO C 80 -9.70 14.05 24.96
C PRO C 80 -8.96 14.10 23.62
N THR C 81 -9.41 13.26 22.66
CA THR C 81 -8.83 13.21 21.30
C THR C 81 -9.94 13.49 20.30
N ARG C 82 -9.61 14.16 19.19
CA ARG C 82 -10.64 14.58 18.24
C ARG C 82 -10.16 14.56 16.79
N LEU C 83 -11.11 14.40 15.89
CA LEU C 83 -10.95 14.46 14.44
C LEU C 83 -12.01 15.43 13.92
N VAL C 84 -11.61 16.44 13.14
CA VAL C 84 -12.53 17.40 12.53
C VAL C 84 -12.35 17.35 11.01
N ILE C 85 -13.43 17.10 10.27
CA ILE C 85 -13.46 17.04 8.80
C ILE C 85 -14.46 18.12 8.37
N GLY C 86 -14.04 18.95 7.41
CA GLY C 86 -14.87 20.04 6.92
C GLY C 86 -15.92 19.57 5.92
N ASP C 87 -16.17 20.42 4.92
CA ASP C 87 -17.20 20.25 3.91
C ASP C 87 -16.69 19.85 2.54
N HIS C 88 -17.56 19.19 1.73
CA HIS C 88 -17.29 18.82 0.34
C HIS C 88 -16.05 17.94 0.14
N ASN C 89 -15.78 17.03 1.08
CA ASN C 89 -14.63 16.13 0.94
C ASN C 89 -15.07 14.79 0.42
N VAL C 90 -14.15 14.08 -0.26
CA VAL C 90 -14.41 12.74 -0.74
C VAL C 90 -13.34 11.86 -0.08
N ILE C 91 -13.78 10.83 0.65
CA ILE C 91 -12.90 9.87 1.32
C ILE C 91 -13.20 8.53 0.69
N ARG C 92 -12.26 7.99 -0.09
CA ARG C 92 -12.47 6.77 -0.87
C ARG C 92 -12.32 5.50 -0.04
N GLU C 93 -12.42 4.31 -0.67
CA GLU C 93 -12.36 3.03 0.02
C GLU C 93 -11.09 2.75 0.84
N GLY C 94 -11.30 2.20 2.03
CA GLY C 94 -10.19 1.79 2.88
C GLY C 94 -9.31 2.87 3.48
N VAL C 95 -9.71 4.12 3.41
CA VAL C 95 -8.94 5.19 4.02
C VAL C 95 -8.96 5.07 5.54
N THR C 96 -7.79 5.27 6.19
CA THR C 96 -7.67 5.25 7.65
C THR C 96 -7.27 6.66 8.11
N ILE C 97 -8.04 7.21 9.06
CA ILE C 97 -7.85 8.55 9.61
C ILE C 97 -7.91 8.42 11.12
N HIS C 98 -6.82 8.83 11.80
CA HIS C 98 -6.71 8.75 13.25
C HIS C 98 -6.99 10.09 13.86
N ARG C 99 -7.55 10.07 15.08
CA ARG C 99 -7.87 11.28 15.84
C ARG C 99 -6.55 11.89 16.39
N GLY C 100 -6.62 13.11 16.89
CA GLY C 100 -5.47 13.84 17.43
C GLY C 100 -5.78 14.51 18.77
N THR C 101 -4.76 14.74 19.61
CA THR C 101 -4.95 15.32 20.96
C THR C 101 -5.47 16.79 20.94
N VAL C 102 -6.46 17.07 21.82
CA VAL C 102 -7.14 18.37 21.94
C VAL C 102 -6.38 19.37 22.82
N GLN C 103 -5.94 18.93 24.04
CA GLN C 103 -5.26 19.75 25.05
C GLN C 103 -4.14 20.65 24.52
N ASP C 104 -3.34 20.13 23.57
CA ASP C 104 -2.20 20.81 22.94
C ASP C 104 -2.53 21.47 21.60
N ARG C 105 -3.84 21.52 21.23
CA ARG C 105 -4.35 22.08 19.96
C ARG C 105 -3.76 21.32 18.75
N ALA C 106 -3.55 20.01 18.93
CA ALA C 106 -2.96 19.18 17.88
C ALA C 106 -3.95 18.09 17.41
N GLU C 107 -5.25 18.43 17.32
CA GLU C 107 -6.28 17.49 16.83
C GLU C 107 -6.04 17.21 15.35
N THR C 108 -6.55 16.07 14.84
CA THR C 108 -6.46 15.79 13.39
C THR C 108 -7.52 16.62 12.70
N THR C 109 -7.10 17.46 11.74
CA THR C 109 -8.01 18.38 11.04
C THR C 109 -7.87 18.24 9.52
N ILE C 110 -9.02 18.17 8.81
CA ILE C 110 -9.17 18.12 7.36
C ILE C 110 -10.13 19.25 7.01
N GLY C 111 -9.71 20.13 6.08
CA GLY C 111 -10.51 21.26 5.65
C GLY C 111 -11.60 20.92 4.65
N ASP C 112 -11.72 21.72 3.60
CA ASP C 112 -12.77 21.58 2.60
C ASP C 112 -12.28 21.19 1.20
N HIS C 113 -13.17 20.57 0.39
CA HIS C 113 -12.89 20.20 -1.01
C HIS C 113 -11.66 19.31 -1.20
N ASN C 114 -11.40 18.39 -0.27
CA ASN C 114 -10.26 17.49 -0.40
C ASN C 114 -10.67 16.18 -1.01
N LEU C 115 -9.73 15.51 -1.70
CA LEU C 115 -9.95 14.18 -2.26
C LEU C 115 -8.87 13.26 -1.68
N ILE C 116 -9.27 12.30 -0.84
CA ILE C 116 -8.42 11.33 -0.15
C ILE C 116 -8.76 10.00 -0.75
N MET C 117 -7.88 9.53 -1.61
CA MET C 117 -8.11 8.38 -2.46
C MET C 117 -7.84 7.08 -1.76
N ALA C 118 -8.20 5.94 -2.38
CA ALA C 118 -8.18 4.61 -1.77
C ALA C 118 -6.95 4.26 -0.95
N TYR C 119 -7.17 3.76 0.29
CA TYR C 119 -6.13 3.25 1.20
C TYR C 119 -5.14 4.30 1.66
N ALA C 120 -5.45 5.57 1.48
CA ALA C 120 -4.57 6.58 2.03
C ALA C 120 -4.65 6.54 3.58
N HIS C 121 -3.58 6.98 4.24
CA HIS C 121 -3.48 6.99 5.68
C HIS C 121 -3.16 8.39 6.18
N ILE C 122 -3.98 8.87 7.10
CA ILE C 122 -3.81 10.15 7.78
C ILE C 122 -3.57 9.86 9.28
N GLY C 123 -2.29 9.97 9.65
CA GLY C 123 -1.82 9.71 11.00
C GLY C 123 -2.23 10.81 11.94
N HIS C 124 -2.31 10.47 13.23
CA HIS C 124 -2.67 11.36 14.33
C HIS C 124 -1.99 12.73 14.26
N ASP C 125 -2.76 13.77 14.61
CA ASP C 125 -2.35 15.17 14.69
C ASP C 125 -1.97 15.81 13.32
N SER C 126 -2.36 15.17 12.21
CA SER C 126 -2.09 15.73 10.88
C SER C 126 -3.11 16.82 10.57
N VAL C 127 -2.73 17.80 9.75
CA VAL C 127 -3.59 18.93 9.35
C VAL C 127 -3.56 19.07 7.84
N ILE C 128 -4.72 18.84 7.21
CA ILE C 128 -4.90 18.97 5.75
C ILE C 128 -5.77 20.18 5.56
N GLY C 129 -5.34 21.06 4.67
CA GLY C 129 -6.05 22.28 4.34
C GLY C 129 -7.20 22.04 3.39
N ASN C 130 -7.27 22.87 2.35
CA ASN C 130 -8.34 22.80 1.36
C ASN C 130 -7.83 22.48 -0.02
N HIS C 131 -8.68 21.83 -0.85
CA HIS C 131 -8.40 21.49 -2.25
C HIS C 131 -7.20 20.60 -2.44
N CYS C 132 -6.85 19.79 -1.43
CA CYS C 132 -5.71 18.86 -1.54
C CYS C 132 -6.14 17.58 -2.17
N ILE C 133 -5.17 16.83 -2.74
CA ILE C 133 -5.41 15.51 -3.25
C ILE C 133 -4.36 14.57 -2.68
N LEU C 134 -4.79 13.54 -1.97
CA LEU C 134 -3.92 12.48 -1.46
C LEU C 134 -4.27 11.29 -2.30
N VAL C 135 -3.37 10.90 -3.22
CA VAL C 135 -3.66 9.82 -4.18
C VAL C 135 -3.51 8.48 -3.45
N ASN C 136 -4.01 7.36 -4.03
CA ASN C 136 -3.97 6.02 -3.44
C ASN C 136 -2.76 5.71 -2.60
N ASN C 137 -2.99 5.23 -1.35
CA ASN C 137 -1.94 4.73 -0.45
C ASN C 137 -0.90 5.77 -0.01
N THR C 138 -1.25 7.05 -0.11
CA THR C 138 -0.38 8.09 0.44
C THR C 138 -0.43 7.87 1.95
N ALA C 139 0.70 8.02 2.66
CA ALA C 139 0.66 7.84 4.10
C ALA C 139 1.31 9.01 4.81
N LEU C 140 0.56 9.66 5.71
CA LEU C 140 1.12 10.76 6.51
C LEU C 140 1.36 10.10 7.87
N ALA C 141 2.65 9.90 8.24
CA ALA C 141 3.04 9.21 9.47
C ALA C 141 2.36 9.75 10.73
N GLY C 142 2.25 11.07 10.83
CA GLY C 142 1.63 11.76 11.97
C GLY C 142 2.21 13.15 12.09
N HIS C 143 1.45 14.13 12.67
CA HIS C 143 1.89 15.53 12.83
C HIS C 143 2.27 16.18 11.47
N VAL C 144 1.70 15.69 10.37
CA VAL C 144 2.02 16.24 9.04
C VAL C 144 1.10 17.41 8.74
N HIS C 145 1.64 18.52 8.20
CA HIS C 145 0.85 19.70 7.82
C HIS C 145 0.86 19.84 6.28
N VAL C 146 -0.31 19.63 5.64
CA VAL C 146 -0.49 19.68 4.18
C VAL C 146 -1.32 20.94 3.88
N ASP C 147 -0.66 21.94 3.26
CA ASP C 147 -1.29 23.22 2.90
C ASP C 147 -2.13 23.08 1.62
N ASP C 148 -2.94 24.11 1.33
CA ASP C 148 -3.90 24.19 0.23
C ASP C 148 -3.35 23.84 -1.14
N TRP C 149 -4.13 23.04 -1.90
CA TRP C 149 -3.84 22.65 -3.28
C TRP C 149 -2.66 21.69 -3.45
N ALA C 150 -2.09 21.17 -2.36
CA ALA C 150 -0.97 20.23 -2.51
C ALA C 150 -1.49 18.91 -3.10
N ILE C 151 -0.68 18.27 -3.94
CA ILE C 151 -1.01 16.99 -4.53
C ILE C 151 0.07 15.99 -4.17
N LEU C 152 -0.29 14.89 -3.52
CA LEU C 152 0.67 13.83 -3.18
C LEU C 152 0.30 12.61 -4.02
N SER C 153 1.14 12.30 -5.01
CA SER C 153 0.90 11.19 -5.93
C SER C 153 0.85 9.86 -5.20
N GLY C 154 0.37 8.82 -5.88
CA GLY C 154 0.22 7.49 -5.30
C GLY C 154 1.43 6.99 -4.54
N TYR C 155 1.19 6.42 -3.33
CA TYR C 155 2.24 5.82 -2.51
C TYR C 155 3.29 6.83 -2.04
N THR C 156 2.91 8.11 -1.90
CA THR C 156 3.81 9.10 -1.28
C THR C 156 3.82 8.86 0.23
N LEU C 157 5.02 8.70 0.81
CA LEU C 157 5.17 8.47 2.23
C LEU C 157 5.71 9.75 2.85
N VAL C 158 5.09 10.20 3.95
CA VAL C 158 5.50 11.43 4.62
C VAL C 158 5.88 11.15 6.07
N HIS C 159 7.14 11.47 6.39
CA HIS C 159 7.74 11.33 7.72
C HIS C 159 6.99 12.27 8.66
N GLN C 160 6.90 11.87 9.94
CA GLN C 160 6.29 12.68 11.00
C GLN C 160 6.92 14.07 11.03
N TYR C 161 6.08 15.09 11.32
CA TYR C 161 6.44 16.51 11.50
C TYR C 161 6.76 17.27 10.21
N CYS C 162 6.63 16.62 9.05
CA CYS C 162 6.90 17.29 7.77
C CYS C 162 5.78 18.23 7.39
N ARG C 163 6.14 19.33 6.72
CA ARG C 163 5.24 20.35 6.19
C ARG C 163 5.31 20.26 4.67
N ILE C 164 4.14 20.13 4.03
CA ILE C 164 3.96 20.08 2.58
C ILE C 164 3.32 21.42 2.21
N GLY C 165 4.07 22.23 1.48
CA GLY C 165 3.64 23.57 1.08
C GLY C 165 2.45 23.62 0.13
N ALA C 166 1.87 24.81 0.04
CA ALA C 166 0.72 25.10 -0.80
C ALA C 166 1.11 24.91 -2.28
N HIS C 167 0.25 24.22 -3.07
CA HIS C 167 0.46 23.94 -4.51
C HIS C 167 1.68 23.05 -4.81
N SER C 168 2.27 22.39 -3.80
CA SER C 168 3.41 21.53 -4.01
C SER C 168 2.94 20.17 -4.59
N PHE C 169 3.90 19.40 -5.11
CA PHE C 169 3.62 18.14 -5.78
C PHE C 169 4.66 17.08 -5.48
N SER C 170 4.23 15.86 -5.24
CA SER C 170 5.17 14.76 -5.08
C SER C 170 4.89 13.73 -6.17
N GLY C 171 5.94 13.17 -6.72
CA GLY C 171 5.87 12.11 -7.73
C GLY C 171 5.47 10.81 -7.07
N MET C 172 5.00 9.84 -7.85
CA MET C 172 4.57 8.56 -7.27
C MET C 172 5.75 7.84 -6.55
N GLY C 173 5.46 7.20 -5.43
CA GLY C 173 6.44 6.47 -4.64
C GLY C 173 7.47 7.34 -3.92
N SER C 174 7.24 8.65 -3.80
CA SER C 174 8.17 9.55 -3.09
C SER C 174 8.17 9.27 -1.59
N ALA C 175 9.32 9.41 -0.94
CA ALA C 175 9.45 9.24 0.52
C ALA C 175 10.01 10.57 1.04
N ILE C 176 9.11 11.41 1.55
CA ILE C 176 9.44 12.76 2.03
C ILE C 176 9.89 12.74 3.50
N GLY C 177 11.11 13.23 3.73
CA GLY C 177 11.70 13.28 5.06
C GLY C 177 11.88 14.68 5.60
N LYS C 178 11.92 15.68 4.72
CA LYS C 178 12.12 17.08 5.10
C LYS C 178 10.94 17.88 4.57
N ASP C 179 10.86 19.17 4.88
CA ASP C 179 9.75 20.01 4.44
C ASP C 179 9.78 20.30 2.93
N VAL C 180 8.59 20.31 2.31
CA VAL C 180 8.47 20.61 0.89
C VAL C 180 7.98 22.07 0.77
N PRO C 181 8.80 23.01 0.24
CA PRO C 181 8.32 24.40 0.12
C PRO C 181 7.13 24.51 -0.83
N ALA C 182 6.36 25.62 -0.72
CA ALA C 182 5.23 25.91 -1.60
C ALA C 182 5.67 25.86 -3.08
N TYR C 183 4.80 25.26 -3.94
CA TYR C 183 4.96 25.11 -5.40
C TYR C 183 6.02 24.08 -5.84
N VAL C 184 6.91 23.66 -4.95
CA VAL C 184 8.00 22.74 -5.30
C VAL C 184 7.50 21.32 -5.64
N THR C 185 8.11 20.70 -6.67
CA THR C 185 7.83 19.32 -7.10
C THR C 185 8.95 18.45 -6.57
N VAL C 186 8.59 17.30 -5.97
CA VAL C 186 9.59 16.40 -5.39
C VAL C 186 9.40 14.97 -5.90
N PHE C 187 10.49 14.21 -5.98
CA PHE C 187 10.49 12.86 -6.55
C PHE C 187 11.50 11.94 -5.88
N GLY C 188 11.18 10.65 -5.87
CA GLY C 188 12.09 9.61 -5.41
C GLY C 188 12.08 9.29 -3.93
N ASN C 189 12.85 8.25 -3.58
CA ASN C 189 13.04 7.79 -2.21
C ASN C 189 14.56 7.73 -1.95
N PRO C 190 15.16 8.70 -1.20
CA PRO C 190 14.53 9.87 -0.57
C PRO C 190 14.15 10.95 -1.58
N ALA C 191 13.12 11.75 -1.24
CA ALA C 191 12.61 12.82 -2.10
C ALA C 191 13.64 13.88 -2.40
N GLU C 192 13.67 14.34 -3.65
CA GLU C 192 14.57 15.38 -4.15
C GLU C 192 13.74 16.43 -4.88
N ALA C 193 14.07 17.73 -4.68
CA ALA C 193 13.37 18.83 -5.39
C ALA C 193 13.80 18.78 -6.85
N ARG C 194 12.83 18.91 -7.78
CA ARG C 194 13.11 18.88 -9.20
C ARG C 194 12.82 20.23 -9.84
N SER C 195 11.60 20.77 -9.63
CA SER C 195 11.19 22.03 -10.22
C SER C 195 9.99 22.62 -9.45
N MET C 196 9.23 23.50 -10.13
CA MET C 196 8.02 24.10 -9.60
C MET C 196 6.79 23.66 -10.40
N ASN C 197 5.64 23.56 -9.71
CA ASN C 197 4.36 23.13 -10.24
C ASN C 197 3.74 24.25 -11.11
N PHE C 198 4.36 24.51 -12.27
CA PHE C 198 3.90 25.53 -13.21
C PHE C 198 2.52 25.18 -13.79
N GLU C 199 2.22 23.86 -13.95
CA GLU C 199 0.92 23.37 -14.44
C GLU C 199 -0.21 23.77 -13.47
N GLY C 200 0.05 23.60 -12.17
CA GLY C 200 -0.87 23.98 -11.09
C GLY C 200 -1.06 25.48 -10.99
N MET C 201 0.03 26.26 -11.25
CA MET C 201 0.04 27.72 -11.25
C MET C 201 -0.88 28.24 -12.39
N ARG C 202 -0.79 27.62 -13.59
CA ARG C 202 -1.58 27.98 -14.78
C ARG C 202 -3.06 27.67 -14.57
N ARG C 203 -3.35 26.47 -13.99
CA ARG C 203 -4.70 25.98 -13.65
C ARG C 203 -5.40 26.93 -12.70
N ARG C 204 -4.61 27.59 -11.83
CA ARG C 204 -5.06 28.56 -10.83
C ARG C 204 -5.15 30.01 -11.36
N GLY C 205 -4.76 30.20 -12.63
CA GLY C 205 -4.79 31.50 -13.31
C GLY C 205 -3.81 32.53 -12.80
N PHE C 206 -2.57 32.11 -12.51
CA PHE C 206 -1.50 32.99 -12.03
C PHE C 206 -1.00 33.86 -13.18
N SER C 207 -0.62 35.12 -12.89
CA SER C 207 -0.12 36.04 -13.92
C SER C 207 1.27 35.62 -14.42
N SER C 208 1.66 36.09 -15.63
CA SER C 208 2.96 35.81 -16.25
C SER C 208 4.13 36.35 -15.44
N GLU C 209 3.93 37.49 -14.75
CA GLU C 209 4.92 38.15 -13.89
C GLU C 209 5.15 37.31 -12.63
N ALA C 210 4.05 36.78 -12.06
CA ALA C 210 4.04 35.93 -10.86
C ALA C 210 4.73 34.59 -11.12
N ILE C 211 4.48 33.97 -12.30
CA ILE C 211 5.07 32.69 -12.69
C ILE C 211 6.58 32.86 -12.93
N HIS C 212 6.98 34.00 -13.54
CA HIS C 212 8.38 34.31 -13.81
C HIS C 212 9.15 34.58 -12.52
N ALA C 213 8.56 35.37 -11.59
CA ALA C 213 9.15 35.70 -10.28
C ALA C 213 9.36 34.42 -9.43
N LEU C 214 8.44 33.44 -9.54
CA LEU C 214 8.51 32.15 -8.85
C LEU C 214 9.60 31.26 -9.45
N ARG C 215 9.78 31.29 -10.79
CA ARG C 215 10.84 30.53 -11.46
C ARG C 215 12.19 31.10 -11.03
N ARG C 216 12.29 32.43 -10.87
CA ARG C 216 13.50 33.12 -10.41
C ARG C 216 13.77 32.75 -8.95
N ALA C 217 12.70 32.65 -8.13
CA ALA C 217 12.74 32.30 -6.71
C ALA C 217 13.31 30.90 -6.47
N TYR C 218 12.89 29.90 -7.28
CA TYR C 218 13.36 28.51 -7.19
C TYR C 218 14.88 28.45 -7.39
N LYS C 219 15.39 29.17 -8.41
CA LYS C 219 16.81 29.25 -8.77
C LYS C 219 17.66 29.87 -7.67
N VAL C 220 17.12 30.90 -6.98
CA VAL C 220 17.79 31.60 -5.87
C VAL C 220 18.02 30.60 -4.72
N VAL C 221 17.00 29.78 -4.42
CA VAL C 221 17.02 28.78 -3.35
C VAL C 221 17.83 27.51 -3.73
N TYR C 222 17.59 26.94 -4.92
CA TYR C 222 18.19 25.66 -5.32
C TYR C 222 19.30 25.64 -6.38
N ARG C 223 19.37 26.61 -7.30
CA ARG C 223 20.34 26.54 -8.40
C ARG C 223 21.48 27.58 -8.36
N GLN C 224 21.51 28.48 -7.35
CA GLN C 224 22.53 29.53 -7.26
C GLN C 224 23.57 29.32 -6.13
N GLY C 225 23.57 28.13 -5.53
CA GLY C 225 24.49 27.75 -4.46
C GLY C 225 24.42 28.55 -3.17
N HIS C 226 23.30 29.26 -2.93
CA HIS C 226 23.10 30.05 -1.72
C HIS C 226 22.60 29.19 -0.56
N THR C 227 22.90 29.62 0.68
CA THR C 227 22.42 28.98 1.90
C THR C 227 20.97 29.47 2.13
N VAL C 228 20.20 28.77 3.00
CA VAL C 228 18.81 29.13 3.34
C VAL C 228 18.74 30.59 3.86
N GLU C 229 19.71 30.98 4.70
CA GLU C 229 19.88 32.32 5.28
C GLU C 229 20.10 33.36 4.16
N GLU C 230 20.96 33.04 3.16
CA GLU C 230 21.28 33.89 2.00
C GLU C 230 20.07 34.03 1.07
N ALA C 231 19.36 32.91 0.81
CA ALA C 231 18.20 32.83 -0.06
C ALA C 231 17.04 33.69 0.43
N LEU C 232 16.64 33.52 1.73
CA LEU C 232 15.54 34.27 2.36
C LEU C 232 15.73 35.80 2.30
N ALA C 233 16.99 36.27 2.42
CA ALA C 233 17.36 37.69 2.37
C ALA C 233 17.22 38.27 0.96
N GLU C 234 17.59 37.48 -0.07
CA GLU C 234 17.50 37.86 -1.49
C GLU C 234 16.05 37.90 -1.97
N LEU C 235 15.21 36.96 -1.48
CA LEU C 235 13.79 36.84 -1.84
C LEU C 235 12.89 37.95 -1.26
N ALA C 236 13.37 38.67 -0.23
CA ALA C 236 12.64 39.74 0.48
C ALA C 236 12.00 40.79 -0.46
N GLU C 237 12.75 41.25 -1.48
CA GLU C 237 12.28 42.24 -2.46
C GLU C 237 11.16 41.67 -3.34
N SER C 238 11.35 40.43 -3.85
CA SER C 238 10.39 39.73 -4.71
C SER C 238 9.10 39.37 -3.97
N ALA C 239 9.20 38.97 -2.69
CA ALA C 239 8.08 38.59 -1.83
C ALA C 239 7.18 39.79 -1.48
N ALA C 240 7.77 41.00 -1.42
CA ALA C 240 7.07 42.24 -1.12
C ALA C 240 6.17 42.66 -2.30
N GLN C 241 6.61 42.39 -3.54
CA GLN C 241 5.89 42.71 -4.78
C GLN C 241 4.84 41.67 -5.15
N PHE C 242 5.12 40.37 -4.91
CA PHE C 242 4.21 39.28 -5.26
C PHE C 242 3.79 38.44 -4.06
N PRO C 243 2.47 38.35 -3.75
CA PRO C 243 2.02 37.53 -2.60
C PRO C 243 2.34 36.04 -2.72
N GLU C 244 2.52 35.54 -3.96
CA GLU C 244 2.85 34.14 -4.25
C GLU C 244 4.32 33.80 -3.98
N VAL C 245 5.23 34.78 -4.17
CA VAL C 245 6.66 34.62 -3.85
C VAL C 245 6.76 34.64 -2.31
N ALA C 246 5.89 35.44 -1.65
CA ALA C 246 5.78 35.51 -0.19
C ALA C 246 5.29 34.18 0.38
N VAL C 247 4.42 33.44 -0.35
CA VAL C 247 3.92 32.12 0.06
C VAL C 247 5.11 31.13 -0.01
N PHE C 248 5.99 31.28 -1.02
CA PHE C 248 7.19 30.45 -1.17
C PHE C 248 8.21 30.77 -0.07
N ARG C 249 8.47 32.08 0.17
CA ARG C 249 9.40 32.58 1.19
C ARG C 249 9.01 32.11 2.59
N ASP C 250 7.70 32.17 2.94
CA ASP C 250 7.18 31.79 4.24
C ASP C 250 7.31 30.30 4.54
N SER C 251 7.17 29.43 3.51
CA SER C 251 7.29 27.98 3.67
C SER C 251 8.73 27.55 3.97
N ILE C 252 9.73 28.31 3.47
CA ILE C 252 11.15 28.06 3.70
C ILE C 252 11.52 28.57 5.10
N GLN C 253 11.10 29.81 5.42
CA GLN C 253 11.30 30.50 6.70
C GLN C 253 10.74 29.67 7.88
N SER C 254 9.59 29.00 7.67
CA SER C 254 8.92 28.18 8.69
C SER C 254 9.31 26.68 8.69
N ALA C 255 10.31 26.30 7.86
CA ALA C 255 10.79 24.90 7.83
C ALA C 255 11.62 24.58 9.08
N THR C 256 11.27 23.48 9.77
CA THR C 256 11.96 23.03 10.99
C THR C 256 12.96 21.91 10.70
N ARG C 257 12.57 20.93 9.87
CA ARG C 257 13.39 19.78 9.47
C ARG C 257 14.32 20.07 8.27
N GLY C 258 14.44 21.33 7.88
CA GLY C 258 15.17 21.74 6.69
C GLY C 258 14.29 21.57 5.46
N ILE C 259 14.77 21.96 4.27
CA ILE C 259 13.95 21.85 3.06
C ILE C 259 14.41 20.69 2.16
N THR C 260 13.44 20.02 1.48
CA THR C 260 13.72 18.94 0.55
C THR C 260 14.52 19.53 -0.61
N ARG C 261 15.73 18.99 -0.80
CA ARG C 261 16.67 19.46 -1.81
C ARG C 261 16.96 18.39 -2.89
C15 VJE D . 2.09 -15.95 -7.52
C26 VJE D . 3.76 -11.32 -2.15
C25 VJE D . 3.14 -10.38 -1.33
C11 VJE D . 4.04 -14.98 -8.52
C13 VJE D . 3.33 -14.20 -6.37
C10 VJE D . 5.10 -14.09 -8.49
C14 VJE D . 4.39 -13.32 -6.35
C27 VJE D . 4.95 -10.99 -2.78
C24 VJE D . 3.72 -9.14 -1.14
C12 VJE D . 3.16 -15.02 -7.46
C9 VJE D . 5.28 -13.26 -7.41
C21 VJE D . 5.51 -9.74 -2.62
C22 VJE D . 4.90 -8.84 -1.77
C2 VJE D . 6.03 -15.10 -3.64
C5 VJE D . 7.27 -14.19 -5.03
C17 VJE D . 6.87 -10.96 -5.46
C1 VJE D . 5.19 -15.21 -2.44
C8 VJE D . 6.46 -12.34 -7.42
C6 VJE D . 8.05 -13.12 -5.67
C19 VJE D . 7.59 -10.77 -4.16
N16 VJE D . 1.23 -16.73 -7.59
N3 VJE D . 6.25 -16.00 -4.58
N4 VJE D . 7.06 -15.41 -5.50
N7 VJE D . 7.04 -12.17 -6.10
O18 VJE D . 6.16 -10.06 -5.88
O28 VJE D . 6.65 -13.90 -3.85
S20 VJE D . 7.03 -9.22 -3.39
CL1 VJE D . 5.65 -7.30 -1.55
C15 VJE E . 4.39 2.31 16.72
C26 VJE E . 2.98 5.34 10.43
C25 VJE E . 2.08 5.01 9.43
C11 VJE E . 6.66 2.53 15.96
C13 VJE E . 4.90 3.31 14.54
C10 VJE E . 7.60 2.93 15.04
C14 VJE E . 5.84 3.70 13.62
C27 VJE E . 4.31 5.55 10.11
C24 VJE E . 2.49 4.92 8.12
C12 VJE E . 5.32 2.71 15.72
C9 VJE E . 7.19 3.50 13.85
C21 VJE E . 4.74 5.44 8.79
C22 VJE E . 3.82 5.13 7.81
C2 VJE E . 5.09 7.17 14.13
C5 VJE E . 7.05 6.70 13.50
C17 VJE E . 7.45 4.77 10.75
C1 VJE E . 3.67 7.51 13.98
C8 VJE E . 8.25 3.90 12.88
C6 VJE E . 8.14 6.39 12.54
C19 VJE E . 7.35 5.99 9.87
N16 VJE E . 3.65 1.98 17.55
N3 VJE E . 5.81 6.99 15.23
N4 VJE E . 7.07 6.67 14.82
N7 VJE E . 7.90 5.04 12.04
O18 VJE E . 7.14 3.65 10.35
O28 VJE E . 5.81 7.00 12.98
S20 VJE E . 6.44 5.69 8.31
CL1 VJE E . 4.34 5.00 6.15
C15 VJE F . -6.86 13.33 -9.45
C26 VJE F . -3.81 6.68 -9.21
C25 VJE F . -3.83 5.49 -8.47
C11 VJE F . -4.57 14.09 -9.62
C13 VJE F . -5.01 11.75 -9.43
C10 VJE F . -3.21 13.85 -9.69
C14 VJE F . -3.65 11.51 -9.50
C27 VJE F . -2.60 7.28 -9.53
C24 VJE F . -2.65 4.92 -8.05
C12 VJE F . -5.45 13.05 -9.49
C9 VJE F . -2.74 12.56 -9.63
C21 VJE F . -1.41 6.71 -9.11
C22 VJE F . -1.47 5.54 -8.37
C2 VJE F . -4.08 9.92 -12.75
C5 VJE F . -2.29 10.94 -12.38
C17 VJE F . -0.56 9.99 -9.70
C1 VJE F . -5.01 8.77 -12.80
C8 VJE F . -1.25 12.32 -9.72
C6 VJE F . -0.90 11.15 -11.90
C19 VJE F . -0.07 8.82 -10.51
N16 VJE F . -8.00 13.59 -9.44
N3 VJE F . -4.28 11.17 -13.12
N4 VJE F . -3.11 11.85 -12.86
N7 VJE F . -0.92 11.11 -10.45
O18 VJE F . -0.61 9.92 -8.49
O28 VJE F . -2.82 9.69 -12.27
S20 VJE F . 0.21 7.39 -9.44
CL1 VJE F . 0.04 4.85 -7.89
#